data_1VRN
#
_entry.id   1VRN
#
_cell.length_a   219.400
_cell.length_b   219.400
_cell.length_c   112.600
_cell.angle_alpha   90.00
_cell.angle_beta   90.00
_cell.angle_gamma   90.00
#
_symmetry.space_group_name_H-M   'P 43 21 2'
#
loop_
_entity.id
_entity.type
_entity.pdbx_description
1 polymer 'Photosynthetic reaction center cytochrome c subunit'
2 polymer 'Reaction center protein H chain'
3 polymer 'Reaction center protein L chain'
4 polymer 'Reaction center protein M chain'
5 non-polymer 'HEME C'
6 non-polymer 'SULFATE ION'
7 non-polymer 'LAURYL DIMETHYLAMINE-N-OXIDE'
8 non-polymer 'BACTERIOCHLOROPHYLL B'
9 non-polymer 'BACTERIOPHEOPHYTIN B'
10 non-polymer UBIQUINONE-7
11 non-polymer 'FE (II) ION'
12 non-polymer MENAQUINONE-9
13 non-polymer 15-cis-1,2-dihydroneurosporene
14 water water
#
loop_
_entity_poly.entity_id
_entity_poly.type
_entity_poly.pdbx_seq_one_letter_code
_entity_poly.pdbx_strand_id
1 'polypeptide(L)'
;CFEPPPATTTQTGFRGLSMGEVLHPATVKAKKERDAQYPPALAAVKAEGPPVSQVYKNVKVLGNLTEAEFLRTMTAITEW
VSPQEGCTYCHDENNLASEAKYPYVVARRMLEMTRAINTNWTQHVAQTGVTCYTCHRGTPLPPYVRYLEPTLPLNNRETP
THVERVETRSGYVVRLAKYTAYSALNYDPFTMFLANDKRQVRVVPQTALPLVGVSRGKERRPLSDAYATFALMMSISDSL
GTNCTFCHNAQTFESWGKKSTPQRAIAWWGIRMVRDLNMNYLAPLNASLPASRLGRQGEAPQADCRTCHQGVTKPLFGAS
RLKDYPELGPIK
;
C
2 'polypeptide(L)'
;(FME)YHGALAQHLDIAQLVWYAQWLVIWTVVLLYLRREDRREGYPLVEPLGLVKLAPEDGQVYELPYPKTFVLPHGGTV
TVPRRRPETRELKLAQTDGFEGAPLQPTGNPLVDAVGPASYAERAEVVDATVDGKAKIVPLRVATDFSIAEGDVDPRGLP
VVAADGVEAGTVTDLWVDRSEHYFRYLELSVAGSARTALIPLGFCDVKKDKIVVTSILSEQFANVPRLQSRDQITLREED
KVSAYYAGGLLYATPERAESLL
;
H
3 'polypeptide(L)'
;ALLSFERKYRVRGGTLIGGDLFDFWVGPYFVGFFGVSAIFFIFLGVSLIGYAASQGPTWDPFAISINPPDLKYGLGAAPL
LEGGFWQAITVCALGAFISWMLREVEISRKLGIGWHVPLAFCVPIFMFCVLQVFRPLLLGSWGHAFPYGILSHLDWVNNF
GYQYLNWHYNPGHMSSVSFLFVNAMALGLHGGLILSVANPGDGDKVKTAEHENQYFRDVVGYSIGALSIHRLGLFLASNI
FLTGAFGTIASGPFWTRGWPEWWGWWLDIPFWS
;
L
4 'polypeptide(L)'
;ADYQTIYTQIQARGPHITVSGEWGDNDRVGKPFYSYWLGKIGDAQIGPIYLGASGIAAFAFGSTAILIILFNMAAEVHFD
PLQFFRQFFWLGLYPPKAQYGMGIPPLHDGGWWLMAGLFMTLSLGSWWIRVYSRARALGLGTHIAWNFAAAIFFVLCIGC
IHPTLVGSWSEGVPFGIWPHIDWLTAFSIRYGNFYYCPWHGFSIGFAYGCGLLFAAHGATILAVARFGGDREIEQITDRG
TAVERAALFWRWTIGFNATIESVHRWGWFFSLMVMVSASVGILLTGTFVDNWYLWCVKHGAAPDYPAYLPATPDPASLPG
APK
;
M
#
# COMPACT_ATOMS: atom_id res chain seq x y z
N CYS A 1 21.01 -1.24 11.27
CA CYS A 1 20.09 -2.40 11.13
C CYS A 1 19.77 -2.68 9.66
N PHE A 2 20.77 -2.51 8.80
CA PHE A 2 20.63 -2.74 7.37
C PHE A 2 21.89 -3.39 6.80
N GLU A 3 21.81 -3.89 5.58
CA GLU A 3 22.96 -4.52 4.95
C GLU A 3 23.43 -3.66 3.78
N PRO A 4 24.68 -3.19 3.82
CA PRO A 4 25.25 -2.34 2.77
C PRO A 4 25.42 -3.04 1.42
N PRO A 5 25.12 -2.33 0.33
CA PRO A 5 25.24 -2.89 -1.03
C PRO A 5 26.72 -3.10 -1.38
N PRO A 6 27.00 -3.78 -2.51
CA PRO A 6 26.03 -4.36 -3.45
C PRO A 6 25.44 -5.69 -2.97
N ALA A 7 24.39 -6.12 -3.65
CA ALA A 7 23.75 -7.39 -3.33
C ALA A 7 23.96 -8.29 -4.54
N THR A 8 24.11 -9.59 -4.29
CA THR A 8 24.26 -10.54 -5.39
C THR A 8 22.86 -11.05 -5.70
N THR A 9 22.47 -11.03 -6.97
CA THR A 9 21.16 -11.50 -7.37
C THR A 9 21.27 -12.44 -8.56
N THR A 10 20.45 -13.48 -8.55
CA THR A 10 20.43 -14.45 -9.64
C THR A 10 19.01 -14.45 -10.24
N GLN A 11 18.86 -15.13 -11.36
CA GLN A 11 17.58 -15.23 -12.03
C GLN A 11 17.15 -16.70 -12.02
N THR A 12 15.93 -16.96 -11.57
CA THR A 12 15.41 -18.32 -11.50
C THR A 12 14.09 -18.44 -12.24
N GLY A 13 13.67 -17.37 -12.91
CA GLY A 13 12.43 -17.41 -13.66
C GLY A 13 12.52 -16.56 -14.90
N PHE A 14 11.48 -16.62 -15.74
CA PHE A 14 11.46 -15.83 -16.97
C PHE A 14 11.71 -14.37 -16.60
N ARG A 15 12.39 -13.65 -17.49
CA ARG A 15 12.71 -12.25 -17.27
C ARG A 15 11.46 -11.41 -17.00
N GLY A 16 11.56 -10.51 -16.02
CA GLY A 16 10.43 -9.66 -15.69
C GLY A 16 9.52 -10.20 -14.60
N LEU A 17 9.87 -11.35 -14.02
CA LEU A 17 9.04 -11.94 -12.97
C LEU A 17 9.62 -11.74 -11.57
N SER A 18 10.76 -11.05 -11.49
CA SER A 18 11.41 -10.78 -10.22
C SER A 18 11.68 -12.06 -9.43
N MET A 19 12.14 -13.09 -10.12
CA MET A 19 12.44 -14.37 -9.50
C MET A 19 13.94 -14.61 -9.43
N GLY A 20 14.42 -14.98 -8.25
CA GLY A 20 15.84 -15.25 -8.08
C GLY A 20 16.33 -15.03 -6.66
N GLU A 21 17.58 -15.40 -6.42
CA GLU A 21 18.18 -15.23 -5.11
C GLU A 21 18.64 -13.79 -4.90
N VAL A 22 18.69 -13.39 -3.65
CA VAL A 22 19.14 -12.05 -3.26
C VAL A 22 20.10 -12.34 -2.10
N LEU A 23 21.40 -12.21 -2.36
CA LEU A 23 22.41 -12.53 -1.35
C LEU A 23 23.33 -11.39 -0.96
N HIS A 24 23.77 -11.43 0.30
CA HIS A 24 24.69 -10.45 0.85
C HIS A 24 26.08 -11.11 0.83
N PRO A 25 27.00 -10.60 0.00
CA PRO A 25 28.37 -11.11 -0.13
C PRO A 25 29.09 -11.49 1.16
N ALA A 26 29.06 -10.60 2.15
CA ALA A 26 29.72 -10.88 3.42
C ALA A 26 29.13 -12.11 4.12
N THR A 27 27.82 -12.32 3.96
CA THR A 27 27.17 -13.47 4.58
C THR A 27 27.56 -14.74 3.86
N VAL A 28 27.55 -14.69 2.53
CA VAL A 28 27.93 -15.84 1.72
C VAL A 28 29.36 -16.26 2.06
N LYS A 29 30.25 -15.27 2.13
CA LYS A 29 31.65 -15.50 2.43
C LYS A 29 31.83 -16.18 3.80
N ALA A 30 31.16 -15.65 4.82
CA ALA A 30 31.24 -16.20 6.16
C ALA A 30 30.75 -17.66 6.22
N LYS A 31 29.69 -17.97 5.47
CA LYS A 31 29.17 -19.33 5.46
C LYS A 31 30.10 -20.28 4.73
N LYS A 32 30.72 -19.81 3.65
CA LYS A 32 31.65 -20.66 2.90
C LYS A 32 32.85 -21.01 3.77
N GLU A 33 33.29 -20.05 4.59
CA GLU A 33 34.44 -20.28 5.47
C GLU A 33 34.09 -21.27 6.56
N ARG A 34 32.88 -21.18 7.10
CA ARG A 34 32.45 -22.11 8.13
C ARG A 34 32.43 -23.50 7.51
N ASP A 35 31.79 -23.60 6.35
CA ASP A 35 31.66 -24.88 5.66
C ASP A 35 32.99 -25.43 5.14
N ALA A 36 33.94 -24.53 4.87
CA ALA A 36 35.25 -24.95 4.38
C ALA A 36 36.03 -25.75 5.42
N GLN A 37 35.53 -25.75 6.65
CA GLN A 37 36.16 -26.48 7.74
C GLN A 37 36.05 -27.98 7.51
N TYR A 38 35.21 -28.37 6.55
CA TYR A 38 35.01 -29.78 6.21
C TYR A 38 36.39 -30.43 6.01
N PRO A 39 36.78 -31.34 6.92
CA PRO A 39 38.08 -31.99 6.79
C PRO A 39 38.31 -32.62 5.41
N PRO A 40 39.54 -32.51 4.88
CA PRO A 40 39.79 -33.11 3.57
C PRO A 40 39.72 -34.62 3.67
N ALA A 41 39.52 -35.29 2.55
CA ALA A 41 39.47 -36.74 2.54
C ALA A 41 40.81 -37.27 3.00
N LEU A 42 40.80 -38.41 3.69
CA LEU A 42 42.05 -39.01 4.16
C LEU A 42 42.70 -39.69 2.96
N ALA A 43 44.03 -39.82 3.01
CA ALA A 43 44.76 -40.45 1.93
C ALA A 43 44.19 -41.83 1.66
N ALA A 44 44.17 -42.21 0.38
CA ALA A 44 43.66 -43.52 -0.01
C ALA A 44 44.63 -44.59 0.47
N VAL A 45 44.10 -45.77 0.79
CA VAL A 45 44.94 -46.86 1.26
C VAL A 45 44.78 -48.07 0.36
N LYS A 46 45.84 -48.85 0.21
CA LYS A 46 45.79 -50.04 -0.64
C LYS A 46 44.87 -51.07 0.00
N ALA A 47 43.94 -51.60 -0.80
CA ALA A 47 43.01 -52.61 -0.32
C ALA A 47 43.70 -53.96 -0.31
N GLU A 48 44.33 -54.31 0.80
CA GLU A 48 45.05 -55.57 0.93
C GLU A 48 44.60 -56.36 2.15
N GLY A 49 44.75 -57.67 2.09
CA GLY A 49 44.37 -58.51 3.21
C GLY A 49 42.91 -58.94 3.18
N PRO A 50 42.47 -59.68 4.20
CA PRO A 50 41.10 -60.17 4.31
C PRO A 50 40.15 -59.09 4.84
N PRO A 51 38.83 -59.31 4.68
CA PRO A 51 37.84 -58.34 5.15
C PRO A 51 37.80 -58.36 6.68
N VAL A 52 37.49 -57.22 7.30
CA VAL A 52 37.44 -57.15 8.75
C VAL A 52 36.37 -58.05 9.33
N SER A 53 35.52 -58.60 8.47
CA SER A 53 34.47 -59.50 8.94
C SER A 53 35.14 -60.76 9.48
N GLN A 54 36.37 -60.99 9.03
CA GLN A 54 37.16 -62.15 9.47
C GLN A 54 38.22 -61.71 10.47
N VAL A 55 38.75 -60.50 10.29
CA VAL A 55 39.78 -59.97 11.17
C VAL A 55 39.26 -59.54 12.53
N TYR A 56 38.22 -58.72 12.55
CA TYR A 56 37.66 -58.25 13.81
C TYR A 56 36.53 -59.14 14.30
N LYS A 57 35.92 -58.80 15.42
CA LYS A 57 34.87 -59.64 15.98
C LYS A 57 33.45 -59.07 16.09
N ASN A 58 33.31 -57.74 16.01
CA ASN A 58 31.98 -57.15 16.15
C ASN A 58 31.61 -56.15 15.06
N VAL A 59 31.98 -56.44 13.81
CA VAL A 59 31.67 -55.57 12.70
C VAL A 59 30.45 -56.11 11.97
N LYS A 60 29.38 -55.33 11.93
CA LYS A 60 28.14 -55.74 11.28
C LYS A 60 27.80 -55.01 9.99
N VAL A 61 28.30 -53.79 9.85
CA VAL A 61 27.99 -53.00 8.66
C VAL A 61 29.15 -52.85 7.67
N LEU A 62 30.36 -52.60 8.18
CA LEU A 62 31.52 -52.43 7.32
C LEU A 62 32.38 -53.69 7.19
N GLY A 63 31.78 -54.86 7.39
CA GLY A 63 32.53 -56.10 7.31
C GLY A 63 33.29 -56.41 6.02
N ASN A 64 32.93 -55.75 4.93
CA ASN A 64 33.58 -56.00 3.64
C ASN A 64 34.89 -55.25 3.44
N LEU A 65 35.14 -54.23 4.26
CA LEU A 65 36.37 -53.45 4.14
C LEU A 65 37.59 -54.20 4.67
N THR A 66 38.76 -53.85 4.17
CA THR A 66 40.00 -54.45 4.64
C THR A 66 40.35 -53.70 5.93
N GLU A 67 41.34 -54.18 6.67
CA GLU A 67 41.70 -53.53 7.92
C GLU A 67 42.07 -52.07 7.76
N ALA A 68 42.95 -51.76 6.81
CA ALA A 68 43.38 -50.38 6.57
C ALA A 68 42.22 -49.48 6.12
N GLU A 69 41.37 -49.99 5.24
CA GLU A 69 40.23 -49.21 4.76
C GLU A 69 39.31 -48.92 5.93
N PHE A 70 39.06 -49.94 6.72
CA PHE A 70 38.19 -49.85 7.88
C PHE A 70 38.70 -48.84 8.92
N LEU A 71 39.98 -48.93 9.26
CA LEU A 71 40.57 -48.01 10.24
C LEU A 71 40.54 -46.58 9.69
N ARG A 72 40.59 -46.45 8.37
CA ARG A 72 40.54 -45.16 7.72
C ARG A 72 39.14 -44.57 7.96
N THR A 73 38.11 -45.43 7.85
CA THR A 73 36.74 -44.98 8.07
C THR A 73 36.58 -44.50 9.50
N MET A 74 37.15 -45.25 10.44
CA MET A 74 37.07 -44.90 11.85
C MET A 74 37.73 -43.55 12.14
N THR A 75 38.83 -43.28 11.46
CA THR A 75 39.55 -42.02 11.64
C THR A 75 38.67 -40.87 11.12
N ALA A 76 38.04 -41.09 9.98
CA ALA A 76 37.17 -40.07 9.38
C ALA A 76 35.98 -39.80 10.29
N ILE A 77 35.37 -40.88 10.78
CA ILE A 77 34.22 -40.76 11.68
C ILE A 77 34.59 -39.95 12.91
N THR A 78 35.78 -40.19 13.44
CA THR A 78 36.24 -39.47 14.62
C THR A 78 36.41 -38.00 14.25
N GLU A 79 36.91 -37.74 13.05
CA GLU A 79 37.10 -36.37 12.56
C GLU A 79 35.76 -35.66 12.46
N TRP A 80 34.79 -36.36 11.87
CA TRP A 80 33.46 -35.81 11.65
C TRP A 80 32.54 -35.68 12.84
N VAL A 81 32.55 -36.68 13.72
CA VAL A 81 31.65 -36.69 14.87
C VAL A 81 32.22 -36.27 16.22
N SER A 82 33.33 -36.88 16.62
CA SER A 82 33.92 -36.57 17.92
C SER A 82 35.41 -36.26 17.88
N PRO A 83 35.82 -35.23 17.10
CA PRO A 83 37.24 -34.89 17.02
C PRO A 83 37.81 -34.40 18.35
N GLN A 84 36.98 -33.78 19.18
CA GLN A 84 37.44 -33.28 20.47
C GLN A 84 37.50 -34.38 21.52
N GLU A 85 36.59 -35.35 21.42
CA GLU A 85 36.53 -36.45 22.38
C GLU A 85 37.46 -37.61 22.00
N GLY A 86 37.56 -37.92 20.72
CA GLY A 86 38.44 -39.00 20.29
C GLY A 86 37.78 -40.35 20.13
N CYS A 87 38.58 -41.36 19.84
CA CYS A 87 38.09 -42.73 19.65
C CYS A 87 37.29 -43.27 20.82
N THR A 88 37.71 -42.94 22.04
CA THR A 88 37.03 -43.45 23.24
C THR A 88 35.64 -42.90 23.47
N TYR A 89 35.20 -41.95 22.66
CA TYR A 89 33.86 -41.41 22.83
C TYR A 89 32.87 -42.55 22.62
N CYS A 90 33.19 -43.44 21.68
CA CYS A 90 32.33 -44.57 21.37
C CYS A 90 32.94 -45.90 21.83
N HIS A 91 34.25 -45.89 22.06
CA HIS A 91 34.97 -47.11 22.43
C HIS A 91 35.55 -47.23 23.82
N ASP A 92 35.63 -48.47 24.28
CA ASP A 92 36.26 -48.79 25.55
C ASP A 92 37.69 -48.97 25.07
N GLU A 93 38.60 -48.12 25.54
CA GLU A 93 39.99 -48.20 25.09
C GLU A 93 40.64 -49.59 25.24
N ASN A 94 40.07 -50.44 26.07
CA ASN A 94 40.63 -51.78 26.29
C ASN A 94 39.93 -52.90 25.53
N ASN A 95 38.86 -52.56 24.82
CA ASN A 95 38.12 -53.56 24.04
C ASN A 95 37.28 -52.85 22.99
N LEU A 96 37.88 -52.65 21.81
CA LEU A 96 37.23 -51.96 20.70
C LEU A 96 36.02 -52.69 20.15
N ALA A 97 35.74 -53.88 20.67
CA ALA A 97 34.59 -54.66 20.21
C ALA A 97 33.39 -54.46 21.13
N SER A 98 33.64 -53.90 22.32
CA SER A 98 32.58 -53.67 23.29
C SER A 98 31.58 -52.60 22.87
N GLU A 99 30.32 -52.80 23.24
CA GLU A 99 29.26 -51.85 22.91
C GLU A 99 28.75 -51.17 24.17
N ALA A 100 29.52 -51.29 25.25
CA ALA A 100 29.14 -50.71 26.54
C ALA A 100 28.76 -49.23 26.49
N LYS A 101 29.45 -48.45 25.66
CA LYS A 101 29.15 -47.02 25.55
C LYS A 101 28.03 -46.82 24.53
N TYR A 102 26.98 -46.10 24.93
CA TYR A 102 25.84 -45.89 24.05
C TYR A 102 26.16 -45.30 22.67
N PRO A 103 27.16 -44.41 22.57
CA PRO A 103 27.47 -43.83 21.25
C PRO A 103 27.84 -44.88 20.21
N TYR A 104 28.37 -46.01 20.66
CA TYR A 104 28.76 -47.09 19.76
C TYR A 104 27.57 -47.63 18.97
N VAL A 105 26.53 -48.04 19.68
CA VAL A 105 25.34 -48.59 19.05
C VAL A 105 24.67 -47.56 18.14
N VAL A 106 24.58 -46.32 18.63
CA VAL A 106 23.98 -45.25 17.86
C VAL A 106 24.77 -45.04 16.57
N ALA A 107 26.10 -45.01 16.70
CA ALA A 107 26.98 -44.82 15.55
C ALA A 107 26.73 -45.88 14.49
N ARG A 108 26.53 -47.12 14.93
CA ARG A 108 26.27 -48.20 13.99
C ARG A 108 24.99 -47.93 13.22
N ARG A 109 23.95 -47.51 13.94
CA ARG A 109 22.67 -47.19 13.32
C ARG A 109 22.88 -46.03 12.34
N MET A 110 23.71 -45.08 12.74
CA MET A 110 24.00 -43.92 11.92
C MET A 110 24.74 -44.28 10.64
N LEU A 111 25.55 -45.34 10.70
CA LEU A 111 26.27 -45.81 9.53
C LEU A 111 25.24 -46.37 8.55
N GLU A 112 24.24 -47.05 9.09
CA GLU A 112 23.17 -47.62 8.26
C GLU A 112 22.30 -46.50 7.68
N MET A 113 22.01 -45.49 8.50
CA MET A 113 21.20 -44.36 8.04
C MET A 113 21.94 -43.61 6.94
N THR A 114 23.23 -43.34 7.17
CA THR A 114 24.03 -42.63 6.19
C THR A 114 24.04 -43.38 4.86
N ARG A 115 24.26 -44.69 4.92
CA ARG A 115 24.29 -45.53 3.72
C ARG A 115 22.94 -45.52 3.03
N ALA A 116 21.86 -45.48 3.80
CA ALA A 116 20.51 -45.46 3.23
C ALA A 116 20.30 -44.13 2.50
N ILE A 117 20.75 -43.04 3.10
CA ILE A 117 20.61 -41.72 2.49
C ILE A 117 21.28 -41.70 1.12
N ASN A 118 22.53 -42.12 1.07
CA ASN A 118 23.28 -42.12 -0.17
C ASN A 118 22.87 -43.18 -1.18
N THR A 119 22.13 -44.18 -0.72
CA THR A 119 21.70 -45.27 -1.60
C THR A 119 20.23 -45.16 -2.01
N ASN A 120 19.36 -44.88 -1.05
CA ASN A 120 17.93 -44.80 -1.32
C ASN A 120 17.36 -43.40 -1.60
N TRP A 121 18.12 -42.35 -1.29
CA TRP A 121 17.62 -41.01 -1.52
C TRP A 121 18.47 -40.15 -2.46
N THR A 122 18.96 -40.78 -3.52
CA THR A 122 19.76 -40.06 -4.51
C THR A 122 18.90 -39.00 -5.20
N GLN A 123 17.58 -39.18 -5.15
CA GLN A 123 16.67 -38.21 -5.77
C GLN A 123 16.84 -36.87 -5.08
N HIS A 124 17.40 -36.91 -3.88
CA HIS A 124 17.64 -35.67 -3.14
C HIS A 124 19.11 -35.29 -3.05
N VAL A 125 19.94 -36.21 -2.53
CA VAL A 125 21.36 -35.93 -2.35
C VAL A 125 22.21 -36.16 -3.60
N ALA A 126 21.60 -36.68 -4.65
CA ALA A 126 22.30 -36.94 -5.91
C ALA A 126 23.64 -37.65 -5.67
N GLN A 127 24.67 -37.21 -6.38
CA GLN A 127 25.99 -37.82 -6.24
C GLN A 127 26.86 -37.02 -5.26
N THR A 128 26.27 -36.01 -4.64
CA THR A 128 26.99 -35.22 -3.65
C THR A 128 26.99 -36.08 -2.38
N GLY A 129 25.82 -36.63 -2.06
CA GLY A 129 25.68 -37.47 -0.88
C GLY A 129 25.96 -36.76 0.42
N VAL A 130 26.01 -37.51 1.51
CA VAL A 130 26.29 -36.95 2.83
C VAL A 130 27.26 -37.85 3.60
N THR A 131 27.92 -37.27 4.60
CA THR A 131 28.81 -38.01 5.48
C THR A 131 28.36 -37.59 6.88
N CYS A 132 28.96 -38.17 7.91
CA CYS A 132 28.59 -37.83 9.28
C CYS A 132 28.74 -36.33 9.52
N TYR A 133 29.73 -35.74 8.86
CA TYR A 133 30.01 -34.32 9.03
C TYR A 133 28.87 -33.40 8.56
N THR A 134 28.19 -33.78 7.48
CA THR A 134 27.10 -32.95 6.97
C THR A 134 26.20 -32.46 8.09
N CYS A 135 25.85 -33.34 9.02
CA CYS A 135 24.99 -32.97 10.14
C CYS A 135 25.77 -32.63 11.42
N HIS A 136 26.68 -33.52 11.81
CA HIS A 136 27.45 -33.33 13.04
C HIS A 136 28.42 -32.15 13.07
N ARG A 137 29.09 -31.88 11.96
CA ARG A 137 30.03 -30.76 11.90
C ARG A 137 31.07 -30.76 13.03
N GLY A 138 31.52 -31.94 13.44
CA GLY A 138 32.54 -32.01 14.48
C GLY A 138 32.12 -32.14 15.94
N THR A 139 30.86 -32.44 16.22
CA THR A 139 30.41 -32.63 17.59
C THR A 139 29.41 -33.78 17.65
N PRO A 140 29.38 -34.52 18.77
CA PRO A 140 28.47 -35.64 18.94
C PRO A 140 27.02 -35.20 18.69
N LEU A 141 26.64 -34.08 19.29
CA LEU A 141 25.31 -33.54 19.12
C LEU A 141 25.31 -32.58 17.93
N PRO A 142 24.57 -32.92 16.87
CA PRO A 142 24.54 -32.01 15.72
C PRO A 142 24.09 -30.64 16.20
N PRO A 143 24.69 -29.57 15.67
CA PRO A 143 24.30 -28.21 16.09
C PRO A 143 22.85 -27.78 15.77
N TYR A 144 22.24 -28.41 14.77
CA TYR A 144 20.87 -28.05 14.40
C TYR A 144 19.92 -29.26 14.38
N VAL A 145 19.22 -29.45 15.49
CA VAL A 145 18.27 -30.56 15.62
C VAL A 145 16.95 -30.01 16.15
N ARG A 146 15.90 -30.83 16.13
CA ARG A 146 14.61 -30.38 16.63
C ARG A 146 13.98 -31.39 17.59
N TYR A 147 13.23 -30.87 18.55
CA TYR A 147 12.52 -31.68 19.53
C TYR A 147 11.04 -31.55 19.17
N LEU A 148 10.16 -32.14 19.97
CA LEU A 148 8.74 -32.07 19.67
C LEU A 148 8.13 -30.71 19.98
N GLU A 149 8.97 -29.79 20.41
CA GLU A 149 8.55 -28.43 20.71
C GLU A 149 9.71 -27.53 20.28
N PRO A 150 9.41 -26.33 19.76
CA PRO A 150 10.49 -25.44 19.33
C PRO A 150 11.51 -25.13 20.42
N THR A 151 12.77 -25.06 20.01
CA THR A 151 13.85 -24.78 20.94
C THR A 151 14.74 -23.65 20.44
N LEU A 152 15.35 -22.93 21.38
CA LEU A 152 16.22 -21.82 21.06
C LEU A 152 17.44 -21.90 21.98
N PRO A 153 18.64 -21.54 21.49
CA PRO A 153 18.95 -21.07 20.12
C PRO A 153 18.86 -22.24 19.12
N LEU A 154 18.69 -21.91 17.84
CA LEU A 154 18.62 -22.91 16.79
C LEU A 154 19.88 -23.76 16.80
N ASN A 155 21.01 -23.10 17.04
CA ASN A 155 22.30 -23.77 17.11
C ASN A 155 22.50 -24.08 18.60
N ASN A 156 22.36 -25.35 18.97
CA ASN A 156 22.49 -25.73 20.37
C ASN A 156 23.87 -25.55 21.00
N ARG A 157 24.85 -25.09 20.21
CA ARG A 157 26.19 -24.87 20.74
C ARG A 157 26.24 -23.52 21.44
N GLU A 158 25.21 -22.71 21.25
CA GLU A 158 25.13 -21.39 21.87
C GLU A 158 24.35 -21.50 23.17
N THR A 159 24.86 -20.84 24.21
CA THR A 159 24.18 -20.88 25.51
C THR A 159 22.88 -20.09 25.45
N PRO A 160 21.77 -20.73 25.83
CA PRO A 160 20.46 -20.10 25.81
C PRO A 160 20.21 -19.16 26.99
N THR A 161 19.43 -18.12 26.74
CA THR A 161 19.07 -17.17 27.79
C THR A 161 17.99 -17.89 28.58
N HIS A 162 17.56 -17.32 29.70
CA HIS A 162 16.53 -17.96 30.51
C HIS A 162 15.21 -18.02 29.73
N VAL A 163 14.87 -16.94 29.05
CA VAL A 163 13.62 -16.88 28.29
C VAL A 163 13.62 -17.84 27.09
N GLU A 164 14.79 -18.13 26.55
CA GLU A 164 14.89 -19.05 25.42
C GLU A 164 14.69 -20.49 25.88
N ARG A 165 14.97 -20.74 27.15
CA ARG A 165 14.83 -22.08 27.73
C ARG A 165 13.42 -22.59 27.45
N VAL A 166 13.32 -23.84 27.04
CA VAL A 166 12.02 -24.43 26.71
C VAL A 166 11.08 -24.48 27.92
N GLU A 167 11.62 -24.40 29.13
CA GLU A 167 10.81 -24.43 30.35
C GLU A 167 10.12 -23.10 30.63
N THR A 168 10.67 -22.03 30.07
CA THR A 168 10.09 -20.70 30.29
C THR A 168 8.94 -20.47 29.32
N ARG A 169 7.72 -20.54 29.84
CA ARG A 169 6.51 -20.36 29.04
C ARG A 169 6.42 -19.00 28.36
N SER A 170 6.92 -17.97 29.02
CA SER A 170 6.87 -16.61 28.49
C SER A 170 7.64 -16.37 27.20
N GLY A 171 8.50 -17.31 26.83
CA GLY A 171 9.29 -17.13 25.62
C GLY A 171 8.86 -17.99 24.44
N TYR A 172 7.76 -18.72 24.60
CA TYR A 172 7.26 -19.62 23.56
C TYR A 172 7.07 -18.98 22.19
N VAL A 173 6.41 -17.83 22.15
CA VAL A 173 6.14 -17.13 20.89
C VAL A 173 7.43 -16.82 20.13
N VAL A 174 8.48 -16.47 20.87
CA VAL A 174 9.77 -16.17 20.26
C VAL A 174 10.43 -17.44 19.76
N ARG A 175 10.28 -18.54 20.50
CA ARG A 175 10.86 -19.80 20.09
C ARG A 175 10.22 -20.25 18.77
N LEU A 176 8.95 -19.91 18.62
CA LEU A 176 8.18 -20.25 17.42
C LEU A 176 8.59 -19.32 16.26
N ALA A 177 8.62 -18.03 16.54
CA ALA A 177 8.96 -17.03 15.54
C ALA A 177 10.35 -17.24 14.92
N LYS A 178 11.35 -17.50 15.77
CA LYS A 178 12.70 -17.67 15.25
C LYS A 178 12.88 -18.96 14.46
N TYR A 179 11.86 -19.80 14.44
CA TYR A 179 11.90 -21.03 13.68
C TYR A 179 11.16 -20.82 12.36
N THR A 180 10.42 -19.71 12.25
CA THR A 180 9.69 -19.40 11.03
C THR A 180 10.11 -18.05 10.45
N ALA A 181 11.42 -17.83 10.39
CA ALA A 181 12.00 -16.61 9.85
C ALA A 181 11.44 -15.34 10.48
N TYR A 182 11.17 -15.41 11.78
CA TYR A 182 10.65 -14.30 12.57
C TYR A 182 9.19 -13.93 12.39
N SER A 183 8.43 -14.75 11.67
CA SER A 183 7.02 -14.46 11.46
C SER A 183 6.27 -14.75 12.76
N ALA A 184 5.01 -14.33 12.82
CA ALA A 184 4.18 -14.55 14.00
C ALA A 184 3.25 -15.74 13.80
N LEU A 185 3.50 -16.53 12.77
CA LEU A 185 2.67 -17.70 12.48
C LEU A 185 2.69 -18.62 13.71
N ASN A 186 1.51 -18.85 14.27
CA ASN A 186 1.35 -19.65 15.48
C ASN A 186 1.36 -21.16 15.25
N TYR A 187 2.35 -21.64 14.49
CA TYR A 187 2.46 -23.06 14.21
C TYR A 187 3.90 -23.53 14.15
N ASP A 188 4.11 -24.77 14.60
CA ASP A 188 5.43 -25.39 14.58
C ASP A 188 5.44 -26.36 13.41
N PRO A 189 6.03 -25.96 12.28
CA PRO A 189 6.10 -26.80 11.08
C PRO A 189 6.89 -28.09 11.20
N PHE A 190 7.81 -28.18 12.17
CA PHE A 190 8.57 -29.42 12.29
C PHE A 190 7.69 -30.58 12.73
N THR A 191 7.05 -30.45 13.89
CA THR A 191 6.19 -31.52 14.40
C THR A 191 5.02 -31.76 13.47
N MET A 192 4.51 -30.69 12.85
CA MET A 192 3.38 -30.84 11.95
C MET A 192 3.69 -31.53 10.62
N PHE A 193 4.82 -31.21 10.02
CA PHE A 193 5.14 -31.77 8.71
C PHE A 193 6.40 -32.61 8.53
N LEU A 194 7.42 -32.42 9.37
CA LEU A 194 8.66 -33.15 9.20
C LEU A 194 8.94 -34.35 10.09
N ALA A 195 8.32 -34.38 11.27
CA ALA A 195 8.49 -35.49 12.21
C ALA A 195 7.94 -36.79 11.61
N ASN A 196 6.85 -36.67 10.86
CA ASN A 196 6.23 -37.83 10.24
C ASN A 196 5.45 -37.48 8.98
N ASP A 197 4.76 -38.47 8.42
CA ASP A 197 4.00 -38.28 7.18
C ASP A 197 2.50 -38.15 7.40
N LYS A 198 2.08 -37.66 8.57
CA LYS A 198 0.67 -37.55 8.87
C LYS A 198 -0.07 -36.40 8.18
N ARG A 199 0.64 -35.32 7.86
CA ARG A 199 -0.04 -34.19 7.23
C ARG A 199 0.37 -33.89 5.79
N GLN A 200 -0.54 -33.21 5.09
CA GLN A 200 -0.34 -32.83 3.71
C GLN A 200 0.07 -31.36 3.66
N VAL A 201 1.14 -31.05 2.94
CA VAL A 201 1.61 -29.67 2.83
C VAL A 201 0.67 -28.86 1.93
N ARG A 202 0.23 -29.47 0.84
CA ARG A 202 -0.64 -28.78 -0.12
C ARG A 202 -1.99 -28.39 0.49
N VAL A 203 -2.38 -27.14 0.26
CA VAL A 203 -3.62 -26.60 0.78
C VAL A 203 -4.41 -25.82 -0.28
N VAL A 204 -3.85 -25.69 -1.48
CA VAL A 204 -4.49 -24.94 -2.55
C VAL A 204 -5.34 -25.83 -3.46
N PRO A 205 -6.58 -25.41 -3.75
CA PRO A 205 -7.50 -26.17 -4.62
C PRO A 205 -6.91 -26.33 -6.01
N GLN A 206 -7.19 -27.44 -6.66
CA GLN A 206 -6.68 -27.66 -8.00
C GLN A 206 -7.75 -27.41 -9.07
N THR A 207 -8.84 -26.77 -8.67
CA THR A 207 -9.90 -26.43 -9.62
C THR A 207 -10.30 -24.98 -9.39
N ALA A 208 -10.79 -24.32 -10.43
CA ALA A 208 -11.20 -22.93 -10.33
C ALA A 208 -12.37 -22.75 -9.36
N LEU A 209 -13.39 -23.60 -9.51
CA LEU A 209 -14.56 -23.50 -8.65
C LEU A 209 -14.50 -24.50 -7.50
N PRO A 210 -15.23 -24.24 -6.40
CA PRO A 210 -15.23 -25.14 -5.24
C PRO A 210 -16.00 -26.42 -5.53
N LEU A 211 -15.35 -27.57 -5.35
CA LEU A 211 -15.99 -28.86 -5.59
C LEU A 211 -17.05 -29.15 -4.53
N VAL A 212 -18.28 -29.44 -4.96
CA VAL A 212 -19.34 -29.75 -4.01
C VAL A 212 -18.97 -31.08 -3.34
N GLY A 213 -18.90 -31.07 -2.02
CA GLY A 213 -18.54 -32.29 -1.31
C GLY A 213 -17.29 -32.13 -0.46
N VAL A 214 -16.52 -31.06 -0.69
CA VAL A 214 -15.33 -30.83 0.11
C VAL A 214 -15.15 -29.35 0.44
N SER A 215 -16.16 -28.55 0.13
CA SER A 215 -16.07 -27.10 0.33
C SER A 215 -17.00 -26.46 1.34
N ARG A 216 -17.63 -27.25 2.19
CA ARG A 216 -18.54 -26.68 3.17
C ARG A 216 -18.43 -27.30 4.55
N GLY A 217 -18.42 -26.45 5.57
CA GLY A 217 -18.34 -26.90 6.94
C GLY A 217 -17.16 -27.79 7.29
N LYS A 218 -17.46 -28.87 8.01
CA LYS A 218 -16.44 -29.82 8.45
C LYS A 218 -15.77 -30.59 7.32
N GLU A 219 -16.30 -30.46 6.11
CA GLU A 219 -15.70 -31.15 4.96
C GLU A 219 -14.39 -30.44 4.64
N ARG A 220 -14.33 -29.16 4.99
CA ARG A 220 -13.17 -28.31 4.70
C ARG A 220 -12.02 -28.42 5.69
N ARG A 221 -10.81 -28.26 5.18
CA ARG A 221 -9.65 -28.24 6.05
C ARG A 221 -9.71 -26.84 6.66
N PRO A 222 -9.34 -26.69 7.93
CA PRO A 222 -9.40 -25.35 8.53
C PRO A 222 -8.37 -24.43 7.86
N LEU A 223 -8.61 -23.12 7.90
CA LEU A 223 -7.68 -22.18 7.28
C LEU A 223 -6.31 -22.25 7.96
N SER A 224 -6.30 -22.79 9.17
CA SER A 224 -5.06 -22.94 9.93
C SER A 224 -4.05 -23.75 9.12
N ASP A 225 -4.55 -24.67 8.30
CA ASP A 225 -3.68 -25.49 7.46
C ASP A 225 -2.82 -24.59 6.54
N ALA A 226 -3.43 -23.52 6.03
CA ALA A 226 -2.73 -22.61 5.13
C ALA A 226 -1.66 -21.81 5.88
N TYR A 227 -1.95 -21.42 7.12
CA TYR A 227 -0.97 -20.69 7.93
C TYR A 227 0.22 -21.63 8.19
N ALA A 228 -0.10 -22.86 8.57
CA ALA A 228 0.91 -23.87 8.87
C ALA A 228 1.84 -24.15 7.69
N THR A 229 1.26 -24.32 6.50
CA THR A 229 2.08 -24.57 5.32
C THR A 229 2.95 -23.36 5.03
N PHE A 230 2.42 -22.16 5.28
CA PHE A 230 3.18 -20.93 5.08
C PHE A 230 4.33 -20.93 6.09
N ALA A 231 4.06 -21.41 7.30
CA ALA A 231 5.07 -21.48 8.35
C ALA A 231 6.19 -22.43 7.95
N LEU A 232 5.82 -23.57 7.37
CA LEU A 232 6.81 -24.55 6.92
C LEU A 232 7.69 -23.96 5.83
N MET A 233 7.08 -23.18 4.95
CA MET A 233 7.81 -22.58 3.84
C MET A 233 8.74 -21.47 4.30
N MET A 234 8.33 -20.74 5.33
CA MET A 234 9.17 -19.68 5.88
C MET A 234 10.38 -20.39 6.48
N SER A 235 10.13 -21.45 7.25
CA SER A 235 11.18 -22.23 7.89
C SER A 235 12.14 -22.86 6.89
N ILE A 236 11.59 -23.43 5.82
CA ILE A 236 12.40 -24.04 4.76
C ILE A 236 13.28 -22.99 4.09
N SER A 237 12.71 -21.84 3.81
CA SER A 237 13.43 -20.76 3.16
C SER A 237 14.64 -20.32 4.01
N ASP A 238 14.40 -20.11 5.29
CA ASP A 238 15.45 -19.68 6.20
C ASP A 238 16.49 -20.78 6.36
N SER A 239 16.05 -22.04 6.39
CA SER A 239 16.95 -23.17 6.55
C SER A 239 17.93 -23.33 5.41
N LEU A 240 17.54 -22.89 4.21
CA LEU A 240 18.40 -22.99 3.04
C LEU A 240 19.00 -21.64 2.67
N GLY A 241 18.70 -20.62 3.46
CA GLY A 241 19.21 -19.30 3.16
C GLY A 241 18.77 -18.84 1.78
N THR A 242 17.46 -18.92 1.53
CA THR A 242 16.93 -18.50 0.24
C THR A 242 15.49 -17.99 0.39
N ASN A 243 14.86 -17.65 -0.73
CA ASN A 243 13.49 -17.16 -0.67
C ASN A 243 12.56 -18.00 -1.54
N CYS A 244 11.27 -17.70 -1.47
CA CYS A 244 10.25 -18.45 -2.22
C CYS A 244 10.52 -18.65 -3.71
N THR A 245 11.06 -17.63 -4.37
CA THR A 245 11.30 -17.72 -5.81
C THR A 245 12.40 -18.69 -6.23
N PHE A 246 13.08 -19.27 -5.24
CA PHE A 246 14.13 -20.25 -5.53
C PHE A 246 13.44 -21.51 -6.04
N CYS A 247 12.17 -21.67 -5.69
CA CYS A 247 11.41 -22.86 -6.08
C CYS A 247 10.08 -22.57 -6.76
N HIS A 248 9.45 -21.46 -6.41
CA HIS A 248 8.13 -21.10 -6.95
C HIS A 248 8.06 -19.82 -7.75
N ASN A 249 7.09 -19.78 -8.65
CA ASN A 249 6.77 -18.56 -9.38
C ASN A 249 5.51 -18.28 -8.55
N ALA A 250 5.56 -17.26 -7.69
CA ALA A 250 4.42 -16.95 -6.83
C ALA A 250 3.09 -16.76 -7.56
N GLN A 251 3.12 -16.60 -8.88
CA GLN A 251 1.89 -16.45 -9.64
C GLN A 251 0.95 -17.59 -9.26
N THR A 252 1.52 -18.77 -9.07
CA THR A 252 0.76 -19.95 -8.68
C THR A 252 1.65 -20.96 -7.97
N PHE A 253 1.68 -20.86 -6.64
CA PHE A 253 2.49 -21.72 -5.78
C PHE A 253 2.17 -23.20 -5.95
N GLU A 254 0.91 -23.49 -6.29
CA GLU A 254 0.47 -24.87 -6.43
C GLU A 254 0.82 -25.55 -7.74
N SER A 255 1.26 -24.79 -8.73
CA SER A 255 1.58 -25.38 -10.03
C SER A 255 3.02 -25.79 -10.22
N TRP A 256 3.20 -26.83 -11.03
CA TRP A 256 4.51 -27.34 -11.36
C TRP A 256 4.77 -26.96 -12.83
N GLY A 257 5.48 -27.80 -13.57
CA GLY A 257 5.77 -27.46 -14.95
C GLY A 257 6.64 -26.21 -15.01
N LYS A 258 6.23 -25.22 -15.79
CA LYS A 258 6.99 -23.98 -15.93
C LYS A 258 6.85 -23.04 -14.72
N LYS A 259 5.93 -23.37 -13.81
CA LYS A 259 5.69 -22.53 -12.64
C LYS A 259 6.56 -22.89 -11.43
N SER A 260 7.41 -23.91 -11.58
CA SER A 260 8.29 -24.34 -10.50
C SER A 260 9.68 -24.63 -11.06
N THR A 261 10.70 -24.48 -10.21
CA THR A 261 12.07 -24.75 -10.65
C THR A 261 12.44 -26.19 -10.30
N PRO A 262 13.51 -26.72 -10.89
CA PRO A 262 13.93 -28.09 -10.60
C PRO A 262 14.19 -28.26 -9.10
N GLN A 263 14.63 -27.17 -8.46
CA GLN A 263 14.93 -27.20 -7.03
C GLN A 263 13.69 -27.51 -6.19
N ARG A 264 12.51 -27.14 -6.67
CA ARG A 264 11.31 -27.43 -5.90
C ARG A 264 11.05 -28.93 -5.87
N ALA A 265 11.30 -29.61 -6.97
CA ALA A 265 11.10 -31.06 -7.01
C ALA A 265 12.10 -31.70 -6.04
N ILE A 266 13.33 -31.22 -6.04
CA ILE A 266 14.34 -31.76 -5.13
C ILE A 266 13.92 -31.53 -3.68
N ALA A 267 13.32 -30.37 -3.41
CA ALA A 267 12.84 -30.06 -2.06
C ALA A 267 11.74 -31.05 -1.66
N TRP A 268 10.91 -31.40 -2.63
CA TRP A 268 9.81 -32.33 -2.42
C TRP A 268 10.39 -33.66 -1.94
N TRP A 269 11.40 -34.14 -2.65
CA TRP A 269 12.06 -35.39 -2.28
C TRP A 269 12.72 -35.27 -0.91
N GLY A 270 13.17 -34.06 -0.58
CA GLY A 270 13.81 -33.84 0.71
C GLY A 270 12.83 -34.00 1.86
N ILE A 271 11.57 -33.60 1.64
CA ILE A 271 10.57 -33.75 2.68
C ILE A 271 10.35 -35.24 2.95
N ARG A 272 10.30 -36.03 1.89
CA ARG A 272 10.10 -37.47 2.04
C ARG A 272 11.31 -38.08 2.75
N MET A 273 12.50 -37.64 2.37
CA MET A 273 13.73 -38.16 2.98
C MET A 273 13.76 -37.89 4.48
N VAL A 274 13.48 -36.64 4.85
CA VAL A 274 13.49 -36.24 6.26
C VAL A 274 12.50 -37.05 7.08
N ARG A 275 11.29 -37.24 6.56
CA ARG A 275 10.27 -38.02 7.25
C ARG A 275 10.76 -39.45 7.46
N ASP A 276 11.44 -39.99 6.45
CA ASP A 276 11.98 -41.34 6.53
C ASP A 276 13.03 -41.39 7.63
N LEU A 277 13.97 -40.45 7.59
CA LEU A 277 15.03 -40.38 8.58
C LEU A 277 14.50 -40.27 10.00
N ASN A 278 13.53 -39.38 10.20
CA ASN A 278 12.96 -39.18 11.52
C ASN A 278 12.15 -40.36 12.06
N MET A 279 11.24 -40.88 11.25
CA MET A 279 10.39 -41.98 11.68
C MET A 279 11.11 -43.32 11.83
N ASN A 280 12.01 -43.62 10.89
CA ASN A 280 12.69 -44.90 10.88
C ASN A 280 14.12 -45.00 11.40
N TYR A 281 14.78 -43.87 11.61
CA TYR A 281 16.15 -43.90 12.10
C TYR A 281 16.42 -43.09 13.35
N LEU A 282 15.96 -41.85 13.38
CA LEU A 282 16.22 -40.98 14.52
C LEU A 282 15.27 -41.12 15.70
N ALA A 283 13.96 -41.08 15.47
CA ALA A 283 13.00 -41.19 16.56
C ALA A 283 13.20 -42.44 17.42
N PRO A 284 13.40 -43.61 16.80
CA PRO A 284 13.59 -44.85 17.54
C PRO A 284 14.81 -44.85 18.47
N LEU A 285 15.71 -43.88 18.27
CA LEU A 285 16.92 -43.78 19.09
C LEU A 285 16.71 -43.34 20.52
N ASN A 286 15.51 -42.88 20.86
CA ASN A 286 15.27 -42.45 22.23
C ASN A 286 15.41 -43.61 23.22
N ALA A 287 15.38 -44.84 22.70
CA ALA A 287 15.51 -46.02 23.53
C ALA A 287 16.99 -46.39 23.74
N SER A 288 17.87 -45.75 22.97
CA SER A 288 19.30 -46.02 23.05
C SER A 288 20.09 -44.83 23.58
N LEU A 289 19.42 -43.73 23.85
CA LEU A 289 20.08 -42.52 24.34
C LEU A 289 19.82 -42.28 25.81
N PRO A 290 20.75 -41.57 26.49
CA PRO A 290 20.58 -41.27 27.91
C PRO A 290 19.48 -40.22 28.08
N ALA A 291 18.81 -40.23 29.22
CA ALA A 291 17.73 -39.28 29.49
C ALA A 291 18.15 -37.84 29.22
N SER A 292 19.42 -37.53 29.43
CA SER A 292 19.94 -36.18 29.22
C SER A 292 19.92 -35.74 27.76
N ARG A 293 19.72 -36.69 26.85
CA ARG A 293 19.67 -36.37 25.42
C ARG A 293 18.26 -36.17 24.90
N LEU A 294 17.28 -36.68 25.64
CA LEU A 294 15.88 -36.61 25.21
C LEU A 294 15.15 -35.30 25.54
N GLY A 295 14.10 -35.04 24.77
CA GLY A 295 13.31 -33.84 24.98
C GLY A 295 12.35 -34.06 26.14
N ARG A 296 11.60 -33.03 26.51
CA ARG A 296 10.66 -33.12 27.62
C ARG A 296 9.58 -34.18 27.43
N GLN A 297 9.42 -34.68 26.21
CA GLN A 297 8.43 -35.70 25.94
C GLN A 297 9.09 -37.05 25.72
N GLY A 298 10.36 -37.15 26.13
CA GLY A 298 11.09 -38.39 25.98
C GLY A 298 11.53 -38.66 24.55
N GLU A 299 11.46 -37.64 23.70
CA GLU A 299 11.84 -37.81 22.30
C GLU A 299 13.32 -37.58 22.04
N ALA A 300 13.86 -38.28 21.05
CA ALA A 300 15.26 -38.12 20.67
C ALA A 300 15.32 -36.93 19.72
N PRO A 301 16.44 -36.21 19.68
CA PRO A 301 16.55 -35.05 18.78
C PRO A 301 16.37 -35.55 17.35
N GLN A 302 15.67 -34.79 16.53
CA GLN A 302 15.45 -35.20 15.14
C GLN A 302 15.93 -34.17 14.14
N ALA A 303 15.85 -34.52 12.86
CA ALA A 303 16.33 -33.66 11.78
C ALA A 303 15.28 -32.89 10.99
N ASP A 304 15.67 -31.71 10.50
CA ASP A 304 14.84 -30.90 9.65
C ASP A 304 15.74 -30.51 8.48
N CYS A 305 15.36 -29.52 7.67
CA CYS A 305 16.18 -29.14 6.53
C CYS A 305 17.49 -28.49 6.97
N ARG A 306 17.41 -27.66 8.01
CA ARG A 306 18.59 -26.96 8.49
C ARG A 306 19.68 -27.89 9.00
N THR A 307 19.29 -29.04 9.56
CA THR A 307 20.25 -29.99 10.09
C THR A 307 21.43 -30.23 9.15
N CYS A 308 21.16 -30.30 7.84
CA CYS A 308 22.21 -30.50 6.85
C CYS A 308 22.59 -29.21 6.13
N HIS A 309 21.57 -28.51 5.65
CA HIS A 309 21.75 -27.28 4.89
C HIS A 309 22.37 -26.13 5.66
N GLN A 310 21.94 -25.95 6.91
CA GLN A 310 22.50 -24.90 7.76
C GLN A 310 22.65 -23.54 7.05
N GLY A 311 21.56 -23.10 6.41
CA GLY A 311 21.54 -21.81 5.73
C GLY A 311 22.09 -21.71 4.31
N VAL A 312 22.30 -22.84 3.66
CA VAL A 312 22.82 -22.85 2.29
C VAL A 312 21.94 -23.75 1.43
N THR A 313 21.66 -23.33 0.19
CA THR A 313 20.79 -24.11 -0.70
C THR A 313 21.31 -25.53 -0.96
N LYS A 314 22.62 -25.69 -0.87
CA LYS A 314 23.27 -27.00 -1.00
C LYS A 314 24.13 -27.11 0.26
N PRO A 315 23.98 -28.19 1.04
CA PRO A 315 24.79 -28.31 2.25
C PRO A 315 26.27 -28.12 1.89
N LEU A 316 26.98 -27.31 2.67
CA LEU A 316 28.41 -27.10 2.43
C LEU A 316 28.68 -26.67 0.99
N PHE A 317 27.76 -25.90 0.42
CA PHE A 317 27.90 -25.42 -0.97
C PHE A 317 28.19 -26.52 -1.98
N GLY A 318 27.69 -27.73 -1.73
CA GLY A 318 27.90 -28.81 -2.69
C GLY A 318 29.13 -29.68 -2.51
N ALA A 319 29.91 -29.44 -1.46
CA ALA A 319 31.11 -30.23 -1.21
C ALA A 319 30.73 -31.70 -1.06
N SER A 320 31.60 -32.59 -1.54
CA SER A 320 31.33 -34.03 -1.48
C SER A 320 32.54 -34.88 -1.06
N ARG A 321 32.26 -36.07 -0.55
CA ARG A 321 33.27 -37.03 -0.14
C ARG A 321 32.78 -38.42 -0.54
N LEU A 322 31.78 -38.45 -1.41
CA LEU A 322 31.18 -39.70 -1.87
C LEU A 322 32.19 -40.70 -2.44
N LYS A 323 33.04 -40.24 -3.35
CA LYS A 323 34.04 -41.10 -3.96
C LYS A 323 35.18 -41.43 -3.00
N ASP A 324 35.37 -40.57 -2.00
CA ASP A 324 36.43 -40.78 -1.04
C ASP A 324 36.09 -41.87 -0.02
N TYR A 325 34.80 -42.02 0.24
CA TYR A 325 34.34 -43.00 1.21
C TYR A 325 33.16 -43.78 0.64
N PRO A 326 33.41 -44.63 -0.36
CA PRO A 326 32.33 -45.42 -0.98
C PRO A 326 31.61 -46.33 0.01
N GLU A 327 32.24 -46.59 1.16
CA GLU A 327 31.63 -47.46 2.15
C GLU A 327 30.41 -46.80 2.80
N LEU A 328 30.22 -45.51 2.52
CA LEU A 328 29.08 -44.77 3.06
C LEU A 328 27.95 -44.68 2.03
N GLY A 329 28.12 -45.36 0.89
CA GLY A 329 27.09 -45.34 -0.13
C GLY A 329 27.45 -44.57 -1.38
N PRO A 330 26.76 -44.82 -2.51
CA PRO A 330 25.67 -45.79 -2.66
C PRO A 330 26.13 -47.25 -2.60
N ILE A 331 25.41 -48.05 -1.83
CA ILE A 331 25.74 -49.47 -1.68
C ILE A 331 25.09 -50.30 -2.78
N LYS A 332 25.91 -50.88 -3.64
CA LYS A 332 25.43 -51.71 -4.75
C LYS A 332 24.99 -53.07 -4.21
N TYR B 2 -19.85 -28.47 -9.08
CA TYR B 2 -19.11 -27.32 -8.56
C TYR B 2 -20.00 -26.18 -8.10
N HIS B 3 -19.70 -25.65 -6.92
CA HIS B 3 -20.45 -24.52 -6.38
C HIS B 3 -20.21 -23.37 -7.37
N GLY B 4 -21.27 -22.67 -7.75
CA GLY B 4 -21.11 -21.55 -8.67
C GLY B 4 -21.20 -21.87 -10.14
N ALA B 5 -21.15 -23.15 -10.50
CA ALA B 5 -21.21 -23.54 -11.90
C ALA B 5 -22.65 -23.39 -12.42
N LEU B 6 -22.78 -22.89 -13.64
CA LEU B 6 -24.09 -22.69 -14.26
C LEU B 6 -24.07 -23.32 -15.64
N ALA B 7 -25.22 -23.34 -16.31
CA ALA B 7 -25.30 -23.93 -17.65
C ALA B 7 -24.54 -23.04 -18.64
N GLN B 8 -24.35 -23.54 -19.86
CA GLN B 8 -23.66 -22.80 -20.91
C GLN B 8 -22.18 -22.55 -20.59
N HIS B 9 -21.60 -23.40 -19.75
CA HIS B 9 -20.19 -23.29 -19.37
C HIS B 9 -19.81 -21.98 -18.67
N LEU B 10 -20.73 -21.41 -17.89
CA LEU B 10 -20.42 -20.18 -17.19
C LEU B 10 -20.58 -20.34 -15.68
N ASP B 11 -20.10 -19.37 -14.91
CA ASP B 11 -20.20 -19.45 -13.46
C ASP B 11 -20.62 -18.12 -12.86
N ILE B 12 -21.04 -18.16 -11.60
CA ILE B 12 -21.52 -16.97 -10.91
C ILE B 12 -20.57 -15.79 -10.85
N ALA B 13 -19.31 -16.01 -10.48
CA ALA B 13 -18.34 -14.91 -10.42
C ALA B 13 -18.20 -14.24 -11.78
N GLN B 14 -18.20 -15.05 -12.83
CA GLN B 14 -18.09 -14.54 -14.18
C GLN B 14 -19.24 -13.57 -14.48
N LEU B 15 -20.44 -13.92 -14.04
CA LEU B 15 -21.59 -13.04 -14.27
C LEU B 15 -21.45 -11.76 -13.47
N VAL B 16 -21.01 -11.88 -12.22
CA VAL B 16 -20.85 -10.71 -11.36
C VAL B 16 -19.80 -9.76 -11.94
N TRP B 17 -18.81 -10.32 -12.63
CA TRP B 17 -17.77 -9.52 -13.27
C TRP B 17 -18.42 -8.51 -14.23
N TYR B 18 -19.32 -9.00 -15.08
CA TYR B 18 -20.00 -8.13 -16.03
C TYR B 18 -20.92 -7.15 -15.30
N ALA B 19 -21.59 -7.63 -14.26
CA ALA B 19 -22.49 -6.79 -13.49
C ALA B 19 -21.73 -5.65 -12.80
N GLN B 20 -20.56 -5.95 -12.25
CA GLN B 20 -19.75 -4.92 -11.58
C GLN B 20 -19.42 -3.80 -12.56
N TRP B 21 -18.94 -4.16 -13.75
CA TRP B 21 -18.62 -3.15 -14.76
C TRP B 21 -19.84 -2.34 -15.17
N LEU B 22 -21.00 -2.98 -15.20
CA LEU B 22 -22.24 -2.29 -15.58
C LEU B 22 -22.59 -1.26 -14.50
N VAL B 23 -22.46 -1.66 -13.24
CA VAL B 23 -22.76 -0.76 -12.14
C VAL B 23 -21.79 0.43 -12.20
N ILE B 24 -20.49 0.12 -12.32
CA ILE B 24 -19.49 1.18 -12.37
C ILE B 24 -19.73 2.18 -13.50
N TRP B 25 -19.90 1.69 -14.73
CA TRP B 25 -20.12 2.59 -15.85
C TRP B 25 -21.44 3.35 -15.76
N THR B 26 -22.46 2.72 -15.19
CA THR B 26 -23.75 3.37 -15.02
C THR B 26 -23.62 4.55 -14.06
N VAL B 27 -22.95 4.33 -12.94
CA VAL B 27 -22.78 5.40 -11.95
C VAL B 27 -21.88 6.51 -12.49
N VAL B 28 -20.74 6.12 -13.05
CA VAL B 28 -19.80 7.09 -13.60
C VAL B 28 -20.39 7.94 -14.72
N LEU B 29 -20.90 7.28 -15.76
CA LEU B 29 -21.45 7.98 -16.91
C LEU B 29 -22.82 8.63 -16.73
N LEU B 30 -23.80 7.85 -16.27
CA LEU B 30 -25.16 8.34 -16.09
C LEU B 30 -25.37 9.26 -14.89
N TYR B 31 -24.63 9.04 -13.82
CA TYR B 31 -24.80 9.87 -12.63
C TYR B 31 -23.70 10.91 -12.41
N LEU B 32 -22.48 10.46 -12.13
CA LEU B 32 -21.37 11.38 -11.88
C LEU B 32 -21.06 12.37 -13.02
N ARG B 33 -20.89 11.86 -14.24
CA ARG B 33 -20.58 12.76 -15.35
C ARG B 33 -21.67 13.78 -15.63
N ARG B 34 -22.89 13.52 -15.16
CA ARG B 34 -23.97 14.47 -15.38
C ARG B 34 -23.97 15.51 -14.25
N GLU B 35 -23.54 15.08 -13.06
CA GLU B 35 -23.46 15.99 -11.93
C GLU B 35 -22.34 16.98 -12.26
N ASP B 36 -21.34 16.51 -13.00
CA ASP B 36 -20.21 17.33 -13.44
C ASP B 36 -20.66 18.46 -14.37
N ARG B 37 -21.89 18.37 -14.87
CA ARG B 37 -22.38 19.36 -15.81
C ARG B 37 -23.40 20.34 -15.26
N ARG B 38 -23.41 20.54 -13.94
CA ARG B 38 -24.34 21.47 -13.33
C ARG B 38 -23.83 22.92 -13.41
N GLU B 39 -22.62 23.08 -13.94
CA GLU B 39 -22.02 24.40 -14.10
C GLU B 39 -21.42 24.51 -15.50
N GLY B 40 -21.58 25.67 -16.12
CA GLY B 40 -21.01 25.89 -17.44
C GLY B 40 -21.77 25.39 -18.66
N TYR B 41 -22.88 24.70 -18.46
CA TYR B 41 -23.66 24.19 -19.60
C TYR B 41 -25.00 24.90 -19.76
N PRO B 42 -25.54 24.90 -20.98
CA PRO B 42 -24.94 24.28 -22.17
C PRO B 42 -23.74 25.06 -22.69
N LEU B 43 -22.89 24.39 -23.45
CA LEU B 43 -21.70 25.02 -24.03
C LEU B 43 -22.10 26.14 -24.98
N VAL B 44 -21.14 26.97 -25.34
CA VAL B 44 -21.40 28.08 -26.25
C VAL B 44 -20.44 28.07 -27.44
N GLU B 45 -20.88 28.67 -28.55
CA GLU B 45 -20.08 28.74 -29.78
C GLU B 45 -20.48 29.95 -30.63
N PRO B 46 -19.54 30.46 -31.43
CA PRO B 46 -19.79 31.61 -32.31
C PRO B 46 -20.82 31.32 -33.40
N LEU B 47 -21.83 32.17 -33.49
CA LEU B 47 -22.88 32.02 -34.49
C LEU B 47 -22.78 33.08 -35.58
N GLY B 48 -22.89 34.34 -35.18
CA GLY B 48 -22.82 35.43 -36.14
C GLY B 48 -24.17 35.69 -36.78
N LEU B 49 -25.02 34.67 -36.76
CA LEU B 49 -26.36 34.76 -37.34
C LEU B 49 -27.36 34.01 -36.46
N VAL B 50 -28.57 34.55 -36.36
CA VAL B 50 -29.62 33.93 -35.55
C VAL B 50 -29.91 32.51 -36.02
N LYS B 51 -29.56 31.53 -35.20
CA LYS B 51 -29.78 30.13 -35.53
C LYS B 51 -30.19 29.35 -34.28
N LEU B 52 -30.98 28.30 -34.47
CA LEU B 52 -31.44 27.48 -33.35
C LEU B 52 -31.09 26.01 -33.56
N ALA B 53 -30.22 25.48 -32.71
CA ALA B 53 -29.80 24.08 -32.79
C ALA B 53 -29.48 23.54 -31.40
N PRO B 54 -30.51 23.38 -30.55
CA PRO B 54 -30.35 22.86 -29.18
C PRO B 54 -29.64 21.51 -29.10
N GLU B 55 -29.86 20.67 -30.11
CA GLU B 55 -29.25 19.34 -30.16
C GLU B 55 -29.68 18.43 -29.00
N ASP B 56 -30.10 17.22 -29.36
CA ASP B 56 -30.55 16.25 -28.37
C ASP B 56 -29.45 16.02 -27.33
N GLY B 57 -28.21 15.99 -27.81
CA GLY B 57 -27.06 15.77 -26.95
C GLY B 57 -26.93 16.77 -25.81
N GLN B 58 -27.36 18.00 -26.03
CA GLN B 58 -27.26 19.04 -25.00
C GLN B 58 -28.24 18.77 -23.88
N VAL B 59 -29.32 18.05 -24.20
CA VAL B 59 -30.33 17.70 -23.21
C VAL B 59 -29.94 16.40 -22.50
N TYR B 60 -29.45 15.42 -23.24
CA TYR B 60 -29.06 14.12 -22.69
C TYR B 60 -27.94 14.15 -21.65
N GLU B 61 -26.97 15.04 -21.82
CA GLU B 61 -25.82 15.13 -20.92
C GLU B 61 -26.10 15.86 -19.62
N LEU B 62 -27.25 16.53 -19.54
CA LEU B 62 -27.57 17.26 -18.33
C LEU B 62 -28.43 16.49 -17.36
N PRO B 63 -28.28 16.77 -16.07
CA PRO B 63 -29.07 16.09 -15.04
C PRO B 63 -30.29 16.98 -14.82
N TYR B 64 -31.32 16.48 -14.14
CA TYR B 64 -32.47 17.31 -13.87
C TYR B 64 -32.00 18.39 -12.90
N PRO B 65 -32.51 19.62 -13.04
CA PRO B 65 -32.09 20.69 -12.14
C PRO B 65 -32.32 20.35 -10.67
N LYS B 66 -31.45 20.85 -9.82
CA LYS B 66 -31.59 20.64 -8.39
C LYS B 66 -31.70 22.05 -7.81
N THR B 67 -32.36 22.18 -6.68
CA THR B 67 -32.51 23.49 -6.07
C THR B 67 -31.98 23.49 -4.64
N PHE B 68 -31.09 24.44 -4.36
CA PHE B 68 -30.51 24.59 -3.04
C PHE B 68 -31.33 25.64 -2.27
N VAL B 69 -31.81 25.31 -1.08
CA VAL B 69 -32.55 26.30 -0.30
C VAL B 69 -31.48 26.93 0.60
N LEU B 70 -31.18 28.19 0.34
CA LEU B 70 -30.15 28.90 1.08
C LEU B 70 -30.43 29.12 2.57
N PRO B 71 -29.39 29.04 3.41
CA PRO B 71 -29.54 29.21 4.86
C PRO B 71 -30.10 30.56 5.29
N HIS B 72 -29.88 31.61 4.50
CA HIS B 72 -30.39 32.94 4.85
C HIS B 72 -31.46 33.48 3.90
N GLY B 73 -32.20 32.58 3.26
CA GLY B 73 -33.26 33.02 2.34
C GLY B 73 -32.94 32.91 0.87
N GLY B 74 -33.96 32.57 0.08
CA GLY B 74 -33.77 32.44 -1.36
C GLY B 74 -33.30 31.05 -1.75
N THR B 75 -33.30 30.77 -3.04
CA THR B 75 -32.87 29.47 -3.54
C THR B 75 -31.94 29.64 -4.74
N VAL B 76 -31.25 28.55 -5.07
CA VAL B 76 -30.33 28.54 -6.19
C VAL B 76 -30.58 27.24 -6.96
N THR B 77 -30.78 27.35 -8.26
CA THR B 77 -31.04 26.17 -9.09
C THR B 77 -29.95 25.95 -10.13
N VAL B 78 -29.48 24.72 -10.22
CA VAL B 78 -28.44 24.37 -11.19
C VAL B 78 -28.69 22.98 -11.76
N PRO B 79 -28.42 22.80 -13.07
CA PRO B 79 -27.90 23.85 -13.94
C PRO B 79 -29.01 24.83 -14.34
N ARG B 80 -28.60 26.01 -14.78
CA ARG B 80 -29.54 27.03 -15.25
C ARG B 80 -28.75 27.89 -16.24
N ARG B 81 -29.44 28.55 -17.16
CA ARG B 81 -28.78 29.37 -18.15
C ARG B 81 -28.12 30.59 -17.52
N ARG B 82 -26.84 30.77 -17.81
CA ARG B 82 -26.08 31.90 -17.27
C ARG B 82 -25.17 32.52 -18.31
N PRO B 83 -25.76 33.18 -19.31
CA PRO B 83 -24.95 33.81 -20.35
C PRO B 83 -24.13 34.95 -19.75
N GLU B 84 -22.95 35.19 -20.30
CA GLU B 84 -22.09 36.26 -19.81
C GLU B 84 -22.02 37.35 -20.87
N THR B 85 -22.98 38.25 -20.84
CA THR B 85 -23.07 39.33 -21.81
C THR B 85 -22.01 40.42 -21.59
N ARG B 86 -21.29 40.33 -20.47
CA ARG B 86 -20.25 41.30 -20.15
C ARG B 86 -19.22 41.39 -21.27
N GLU B 87 -18.98 42.61 -21.75
CA GLU B 87 -18.02 42.83 -22.83
C GLU B 87 -16.60 42.49 -22.40
N LEU B 88 -15.96 41.61 -23.17
CA LEU B 88 -14.59 41.20 -22.86
C LEU B 88 -13.60 41.91 -23.78
N LYS B 89 -12.68 42.68 -23.21
CA LYS B 89 -11.69 43.39 -24.00
C LYS B 89 -10.62 42.40 -24.46
N LEU B 90 -11.03 41.50 -25.34
CA LEU B 90 -10.14 40.48 -25.89
C LEU B 90 -10.33 40.40 -27.40
N ALA B 91 -9.26 40.07 -28.11
CA ALA B 91 -9.32 39.94 -29.55
C ALA B 91 -8.62 38.67 -29.97
N GLN B 92 -9.12 38.04 -31.03
CA GLN B 92 -8.52 36.81 -31.54
C GLN B 92 -7.11 37.07 -32.04
N THR B 93 -6.22 36.11 -31.85
CA THR B 93 -4.85 36.24 -32.32
C THR B 93 -4.73 35.62 -33.70
N ASP B 94 -5.57 34.62 -33.97
CA ASP B 94 -5.57 33.93 -35.25
C ASP B 94 -7.00 33.56 -35.63
N GLY B 95 -7.16 32.92 -36.79
CA GLY B 95 -8.47 32.54 -37.25
C GLY B 95 -9.12 31.29 -36.65
N PHE B 96 -8.36 30.21 -36.48
CA PHE B 96 -8.94 28.99 -35.92
C PHE B 96 -9.50 29.16 -34.52
N GLU B 97 -10.63 28.50 -34.27
CA GLU B 97 -11.32 28.57 -32.98
C GLU B 97 -10.49 28.15 -31.78
N GLY B 98 -9.39 27.43 -32.02
CA GLY B 98 -8.54 27.00 -30.93
C GLY B 98 -7.51 28.05 -30.55
N ALA B 99 -7.45 29.13 -31.32
CA ALA B 99 -6.49 30.21 -31.07
C ALA B 99 -6.81 30.95 -29.78
N PRO B 100 -5.77 31.36 -29.04
CA PRO B 100 -5.97 32.08 -27.79
C PRO B 100 -6.40 33.52 -28.05
N LEU B 101 -6.97 34.17 -27.04
CA LEU B 101 -7.39 35.55 -27.16
C LEU B 101 -6.32 36.46 -26.56
N GLN B 102 -6.28 37.70 -27.02
CA GLN B 102 -5.30 38.68 -26.55
C GLN B 102 -6.02 39.91 -26.02
N PRO B 103 -5.65 40.37 -24.81
CA PRO B 103 -6.33 41.56 -24.28
C PRO B 103 -6.09 42.78 -25.19
N THR B 104 -7.11 43.64 -25.30
CA THR B 104 -7.00 44.81 -26.14
C THR B 104 -6.62 46.06 -25.36
N GLY B 105 -6.76 46.01 -24.04
CA GLY B 105 -6.41 47.15 -23.21
C GLY B 105 -5.59 46.70 -22.01
N ASN B 106 -5.97 47.18 -20.84
CA ASN B 106 -5.29 46.80 -19.59
C ASN B 106 -6.04 45.59 -19.04
N PRO B 107 -5.46 44.39 -19.17
CA PRO B 107 -6.09 43.16 -18.68
C PRO B 107 -6.47 43.12 -17.21
N LEU B 108 -5.69 43.79 -16.37
CA LEU B 108 -5.98 43.82 -14.94
C LEU B 108 -7.27 44.61 -14.67
N VAL B 109 -7.37 45.78 -15.30
CA VAL B 109 -8.55 46.62 -15.13
C VAL B 109 -9.74 46.00 -15.87
N ASP B 110 -9.50 45.51 -17.08
CA ASP B 110 -10.56 44.90 -17.88
C ASP B 110 -11.02 43.56 -17.35
N ALA B 111 -10.20 42.94 -16.50
CA ALA B 111 -10.52 41.65 -15.89
C ALA B 111 -10.70 40.51 -16.90
N VAL B 112 -9.64 40.21 -17.64
CA VAL B 112 -9.66 39.13 -18.61
C VAL B 112 -8.51 38.16 -18.28
N GLY B 113 -8.56 36.95 -18.84
CA GLY B 113 -7.52 35.97 -18.56
C GLY B 113 -7.47 35.66 -17.08
N PRO B 114 -6.26 35.51 -16.50
CA PRO B 114 -6.17 35.21 -15.06
C PRO B 114 -6.64 36.36 -14.17
N ALA B 115 -7.03 37.47 -14.78
CA ALA B 115 -7.53 38.62 -14.03
C ALA B 115 -9.06 38.63 -14.03
N SER B 116 -9.65 37.57 -14.58
CA SER B 116 -11.11 37.46 -14.66
C SER B 116 -11.73 37.09 -13.32
N TYR B 117 -12.90 37.65 -13.04
CA TYR B 117 -13.63 37.32 -11.82
C TYR B 117 -14.92 36.66 -12.28
N ALA B 118 -15.56 35.90 -11.39
CA ALA B 118 -16.81 35.24 -11.73
C ALA B 118 -17.99 36.13 -11.36
N GLU B 119 -19.13 35.92 -11.99
CA GLU B 119 -20.30 36.73 -11.69
C GLU B 119 -21.01 36.24 -10.42
N ARG B 120 -20.28 36.23 -9.31
CA ARG B 120 -20.85 35.80 -8.05
C ARG B 120 -21.88 36.85 -7.62
N ALA B 121 -22.73 36.47 -6.67
CA ALA B 121 -23.78 37.36 -6.17
C ALA B 121 -23.19 38.56 -5.45
N GLU B 122 -23.85 39.71 -5.60
CA GLU B 122 -23.40 40.93 -4.92
C GLU B 122 -24.04 40.94 -3.54
N VAL B 123 -23.74 39.92 -2.76
CA VAL B 123 -24.27 39.81 -1.40
C VAL B 123 -23.11 39.54 -0.46
N VAL B 124 -23.26 39.99 0.77
CA VAL B 124 -22.24 39.80 1.80
C VAL B 124 -22.33 38.38 2.34
N ASP B 125 -21.22 37.64 2.26
CA ASP B 125 -21.18 36.28 2.78
C ASP B 125 -21.47 36.39 4.27
N ALA B 126 -22.35 35.54 4.78
CA ALA B 126 -22.74 35.59 6.17
C ALA B 126 -22.30 34.44 7.07
N THR B 127 -22.27 34.71 8.37
CA THR B 127 -21.93 33.72 9.38
C THR B 127 -23.21 32.93 9.59
N VAL B 128 -23.13 31.84 10.32
CA VAL B 128 -24.32 31.04 10.58
C VAL B 128 -25.40 31.86 11.31
N ASP B 129 -24.98 32.91 12.00
CA ASP B 129 -25.91 33.78 12.74
C ASP B 129 -26.45 34.93 11.90
N GLY B 130 -26.00 35.03 10.65
CA GLY B 130 -26.49 36.09 9.78
C GLY B 130 -25.69 37.38 9.76
N LYS B 131 -24.51 37.36 10.38
CA LYS B 131 -23.66 38.55 10.40
C LYS B 131 -22.65 38.47 9.26
N ALA B 132 -21.99 39.58 8.97
CA ALA B 132 -20.99 39.62 7.90
C ALA B 132 -19.83 38.69 8.28
N LYS B 133 -19.52 37.72 7.41
CA LYS B 133 -18.45 36.77 7.69
C LYS B 133 -17.04 37.36 7.65
N ILE B 134 -16.69 37.99 6.53
CA ILE B 134 -15.36 38.58 6.37
C ILE B 134 -15.36 40.07 6.68
N VAL B 135 -14.74 40.43 7.80
CA VAL B 135 -14.68 41.84 8.23
C VAL B 135 -13.35 42.21 8.88
N PRO B 136 -13.00 43.50 8.85
CA PRO B 136 -11.75 43.98 9.46
C PRO B 136 -11.80 43.85 10.97
N LEU B 137 -10.64 43.79 11.62
CA LEU B 137 -10.60 43.66 13.06
C LEU B 137 -11.19 44.89 13.76
N ARG B 138 -11.16 46.04 13.08
CA ARG B 138 -11.72 47.28 13.64
C ARG B 138 -13.19 47.02 13.96
N VAL B 139 -13.77 46.06 13.23
CA VAL B 139 -15.16 45.68 13.41
C VAL B 139 -15.27 44.43 14.27
N ALA B 140 -14.47 43.42 13.97
CA ALA B 140 -14.48 42.17 14.73
C ALA B 140 -13.54 42.33 15.92
N THR B 141 -13.89 43.25 16.81
CA THR B 141 -13.09 43.54 17.99
C THR B 141 -12.86 42.35 18.91
N ASP B 142 -13.74 41.36 18.88
CA ASP B 142 -13.57 40.18 19.72
C ASP B 142 -12.55 39.19 19.14
N PHE B 143 -11.96 39.54 18.00
CA PHE B 143 -10.95 38.70 17.37
C PHE B 143 -9.57 39.33 17.49
N SER B 144 -8.53 38.50 17.45
CA SER B 144 -7.17 39.01 17.58
C SER B 144 -6.13 38.11 16.90
N ILE B 145 -4.91 38.63 16.79
CA ILE B 145 -3.81 37.91 16.18
C ILE B 145 -3.19 37.03 17.26
N ALA B 146 -2.98 35.75 16.94
CA ALA B 146 -2.40 34.82 17.89
C ALA B 146 -1.04 35.31 18.37
N GLU B 147 -0.77 35.13 19.65
CA GLU B 147 0.51 35.54 20.22
C GLU B 147 1.62 34.74 19.57
N GLY B 148 2.60 35.43 18.99
CA GLY B 148 3.70 34.75 18.34
C GLY B 148 3.80 35.08 16.87
N ASP B 149 2.70 35.55 16.28
CA ASP B 149 2.69 35.90 14.87
C ASP B 149 2.87 37.39 14.65
N VAL B 150 3.33 37.75 13.45
CA VAL B 150 3.55 39.13 13.09
C VAL B 150 2.26 39.94 12.94
N ASP B 151 2.26 41.14 13.51
CA ASP B 151 1.11 42.04 13.38
C ASP B 151 1.53 42.93 12.22
N PRO B 152 0.92 42.76 11.05
CA PRO B 152 1.25 43.55 9.86
C PRO B 152 0.78 45.00 9.91
N ARG B 153 -0.04 45.34 10.89
CA ARG B 153 -0.56 46.70 11.00
C ARG B 153 0.58 47.70 11.23
N GLY B 154 0.80 48.57 10.26
CA GLY B 154 1.86 49.55 10.36
C GLY B 154 3.02 49.27 9.43
N LEU B 155 3.12 48.02 8.98
CA LEU B 155 4.20 47.61 8.09
C LEU B 155 3.95 48.08 6.65
N PRO B 156 5.03 48.29 5.89
CA PRO B 156 4.93 48.73 4.50
C PRO B 156 4.71 47.53 3.57
N VAL B 157 4.13 47.79 2.40
CA VAL B 157 3.88 46.75 1.41
C VAL B 157 4.82 47.02 0.26
N VAL B 158 5.71 46.08 -0.03
CA VAL B 158 6.66 46.22 -1.11
C VAL B 158 6.21 45.38 -2.31
N ALA B 159 6.02 46.04 -3.45
CA ALA B 159 5.58 45.36 -4.66
C ALA B 159 6.72 44.64 -5.37
N ALA B 160 6.38 44.01 -6.49
CA ALA B 160 7.35 43.24 -7.27
C ALA B 160 8.56 44.05 -7.73
N ASP B 161 8.38 45.36 -7.87
CA ASP B 161 9.47 46.23 -8.31
C ASP B 161 10.35 46.72 -7.16
N GLY B 162 10.08 46.25 -5.96
CA GLY B 162 10.88 46.66 -4.81
C GLY B 162 10.50 47.97 -4.16
N VAL B 163 9.61 48.74 -4.78
CA VAL B 163 9.20 50.01 -4.21
C VAL B 163 7.95 49.88 -3.35
N GLU B 164 7.93 50.63 -2.25
CA GLU B 164 6.80 50.61 -1.33
C GLU B 164 5.52 51.06 -2.03
N ALA B 165 4.47 50.27 -1.89
CA ALA B 165 3.19 50.57 -2.52
C ALA B 165 2.21 51.19 -1.53
N GLY B 166 2.44 50.98 -0.24
CA GLY B 166 1.55 51.52 0.77
C GLY B 166 1.82 51.01 2.16
N THR B 167 0.87 51.23 3.07
CA THR B 167 1.02 50.81 4.46
C THR B 167 -0.19 49.98 4.91
N VAL B 168 0.07 48.88 5.61
CA VAL B 168 -1.01 48.01 6.10
C VAL B 168 -1.75 48.68 7.26
N THR B 169 -3.07 48.68 7.18
CA THR B 169 -3.90 49.29 8.22
C THR B 169 -4.81 48.32 8.98
N ASP B 170 -5.11 47.16 8.39
CA ASP B 170 -5.97 46.20 9.07
C ASP B 170 -5.94 44.81 8.47
N LEU B 171 -6.60 43.87 9.14
CA LEU B 171 -6.68 42.49 8.68
C LEU B 171 -8.16 42.09 8.66
N TRP B 172 -8.58 41.46 7.58
CA TRP B 172 -9.95 41.01 7.47
C TRP B 172 -9.97 39.53 7.85
N VAL B 173 -10.77 39.21 8.86
CA VAL B 173 -10.87 37.84 9.35
C VAL B 173 -12.18 37.18 8.95
N ASP B 174 -12.13 35.86 8.83
CA ASP B 174 -13.30 35.05 8.51
C ASP B 174 -13.83 34.63 9.88
N ARG B 175 -14.89 35.29 10.33
CA ARG B 175 -15.46 34.99 11.63
C ARG B 175 -16.05 33.59 11.76
N SER B 176 -16.36 32.96 10.63
CA SER B 176 -16.93 31.62 10.65
C SER B 176 -15.87 30.54 10.82
N GLU B 177 -14.67 30.80 10.33
CA GLU B 177 -13.59 29.81 10.43
C GLU B 177 -12.36 30.29 11.20
N HIS B 178 -12.46 31.46 11.85
CA HIS B 178 -11.34 32.01 12.63
C HIS B 178 -10.07 31.94 11.80
N TYR B 179 -10.08 32.65 10.67
CA TYR B 179 -8.96 32.62 9.75
C TYR B 179 -8.88 33.95 9.00
N PHE B 180 -7.69 34.55 8.93
CA PHE B 180 -7.50 35.81 8.22
C PHE B 180 -7.44 35.52 6.73
N ARG B 181 -8.13 36.32 5.93
CA ARG B 181 -8.15 36.11 4.49
C ARG B 181 -7.63 37.30 3.68
N TYR B 182 -7.64 38.49 4.27
CA TYR B 182 -7.14 39.66 3.56
C TYR B 182 -6.41 40.62 4.48
N LEU B 183 -5.62 41.49 3.87
CA LEU B 183 -4.91 42.54 4.59
C LEU B 183 -5.44 43.79 3.88
N GLU B 184 -5.59 44.88 4.62
CA GLU B 184 -6.05 46.14 4.03
C GLU B 184 -4.92 47.14 4.18
N LEU B 185 -4.64 47.89 3.13
CA LEU B 185 -3.56 48.88 3.17
C LEU B 185 -3.93 50.19 2.51
N SER B 186 -3.21 51.25 2.86
CA SER B 186 -3.42 52.57 2.25
C SER B 186 -2.48 52.62 1.07
N VAL B 187 -2.98 53.04 -0.08
CA VAL B 187 -2.15 53.11 -1.29
C VAL B 187 -1.43 54.44 -1.40
N ALA B 188 -0.10 54.39 -1.43
CA ALA B 188 0.73 55.58 -1.52
C ALA B 188 0.57 56.31 -2.84
N GLY B 189 0.60 57.63 -2.79
CA GLY B 189 0.46 58.42 -3.99
C GLY B 189 -1.00 58.52 -4.39
N SER B 190 -1.81 57.63 -3.82
CA SER B 190 -3.23 57.62 -4.09
C SER B 190 -3.96 57.98 -2.81
N ALA B 191 -5.27 58.16 -2.90
CA ALA B 191 -6.07 58.50 -1.74
C ALA B 191 -7.15 57.42 -1.61
N ARG B 192 -6.73 56.24 -1.15
CA ARG B 192 -7.65 55.12 -1.03
C ARG B 192 -7.01 53.96 -0.28
N THR B 193 -7.84 53.02 0.14
CA THR B 193 -7.37 51.81 0.81
C THR B 193 -7.59 50.70 -0.21
N ALA B 194 -7.02 49.53 0.04
CA ALA B 194 -7.18 48.41 -0.87
C ALA B 194 -6.97 47.11 -0.12
N LEU B 195 -7.66 46.06 -0.54
CA LEU B 195 -7.50 44.77 0.10
C LEU B 195 -6.59 43.90 -0.76
N ILE B 196 -5.98 42.91 -0.11
CA ILE B 196 -5.10 41.98 -0.80
C ILE B 196 -5.25 40.64 -0.08
N PRO B 197 -5.47 39.55 -0.85
CA PRO B 197 -5.62 38.24 -0.23
C PRO B 197 -4.30 37.87 0.45
N LEU B 198 -4.35 37.22 1.60
CA LEU B 198 -3.12 36.85 2.28
C LEU B 198 -2.28 35.89 1.45
N GLY B 199 -2.93 35.14 0.55
CA GLY B 199 -2.22 34.20 -0.30
C GLY B 199 -1.23 34.87 -1.23
N PHE B 200 -1.38 36.18 -1.40
CA PHE B 200 -0.49 36.95 -2.27
C PHE B 200 0.51 37.73 -1.41
N CYS B 201 0.46 37.48 -0.10
CA CYS B 201 1.35 38.17 0.83
C CYS B 201 2.44 37.30 1.44
N ASP B 202 3.67 37.78 1.34
CA ASP B 202 4.80 37.10 1.94
C ASP B 202 5.02 37.91 3.23
N VAL B 203 4.42 37.46 4.32
CA VAL B 203 4.51 38.17 5.59
C VAL B 203 5.87 38.10 6.31
N LYS B 204 6.63 39.19 6.21
CA LYS B 204 7.93 39.31 6.87
C LYS B 204 7.73 40.18 8.11
N LYS B 205 8.62 40.06 9.08
CA LYS B 205 8.52 40.84 10.32
C LYS B 205 8.66 42.34 10.11
N ASP B 206 9.33 42.73 9.03
CA ASP B 206 9.56 44.14 8.73
C ASP B 206 8.80 44.65 7.52
N LYS B 207 8.09 43.76 6.83
CA LYS B 207 7.36 44.16 5.63
C LYS B 207 6.51 43.04 5.04
N ILE B 208 5.68 43.42 4.07
CA ILE B 208 4.82 42.48 3.36
C ILE B 208 5.26 42.55 1.91
N VAL B 209 5.83 41.46 1.40
CA VAL B 209 6.28 41.44 0.01
C VAL B 209 5.18 40.89 -0.88
N VAL B 210 4.92 41.58 -1.98
CA VAL B 210 3.90 41.21 -2.95
C VAL B 210 4.53 41.21 -4.33
N THR B 211 4.72 40.04 -4.91
CA THR B 211 5.35 39.93 -6.22
C THR B 211 4.36 39.85 -7.38
N SER B 212 3.07 39.67 -7.07
CA SER B 212 2.06 39.56 -8.12
C SER B 212 1.89 40.83 -8.96
N ILE B 213 2.04 42.00 -8.34
CA ILE B 213 1.91 43.25 -9.08
C ILE B 213 2.95 44.31 -8.71
N LEU B 214 3.17 45.25 -9.62
CA LEU B 214 4.12 46.34 -9.40
C LEU B 214 3.42 47.40 -8.53
N SER B 215 4.21 48.26 -7.89
CA SER B 215 3.66 49.29 -7.02
C SER B 215 2.61 50.16 -7.70
N GLU B 216 2.89 50.60 -8.92
CA GLU B 216 1.96 51.45 -9.67
C GLU B 216 0.59 50.81 -9.89
N GLN B 217 0.56 49.50 -10.07
CA GLN B 217 -0.69 48.78 -10.33
C GLN B 217 -1.61 48.66 -9.11
N PHE B 218 -1.11 49.03 -7.94
CA PHE B 218 -1.91 48.97 -6.72
C PHE B 218 -3.02 50.02 -6.75
N ALA B 219 -2.81 51.08 -7.51
CA ALA B 219 -3.77 52.17 -7.62
C ALA B 219 -5.09 51.74 -8.26
N ASN B 220 -5.06 50.72 -9.11
CA ASN B 220 -6.27 50.27 -9.76
C ASN B 220 -6.91 49.03 -9.16
N VAL B 221 -6.50 48.64 -7.96
CA VAL B 221 -7.10 47.48 -7.33
C VAL B 221 -8.60 47.73 -7.16
N PRO B 222 -9.43 46.73 -7.47
CA PRO B 222 -10.88 46.91 -7.34
C PRO B 222 -11.25 47.53 -5.99
N ARG B 223 -12.23 48.41 -5.99
CA ARG B 223 -12.67 49.08 -4.77
C ARG B 223 -13.95 48.47 -4.21
N LEU B 224 -14.09 48.49 -2.89
CA LEU B 224 -15.29 47.97 -2.25
C LEU B 224 -16.37 49.06 -2.22
N GLN B 225 -17.63 48.65 -2.17
CA GLN B 225 -18.74 49.60 -2.12
C GLN B 225 -18.88 50.14 -0.71
N SER B 226 -18.55 49.30 0.26
CA SER B 226 -18.62 49.67 1.67
C SER B 226 -17.24 49.54 2.28
N ARG B 227 -17.02 50.22 3.39
CA ARG B 227 -15.72 50.22 4.07
C ARG B 227 -15.42 49.00 4.93
N ASP B 228 -16.42 48.52 5.67
CA ASP B 228 -16.22 47.39 6.57
C ASP B 228 -17.01 46.15 6.15
N GLN B 229 -17.31 46.06 4.87
CA GLN B 229 -18.11 44.95 4.36
C GLN B 229 -17.62 44.61 2.96
N ILE B 230 -17.72 43.33 2.57
CA ILE B 230 -17.32 42.93 1.22
C ILE B 230 -18.28 41.86 0.69
N THR B 231 -18.65 41.99 -0.58
CA THR B 231 -19.58 41.02 -1.17
C THR B 231 -18.79 39.86 -1.81
N LEU B 232 -19.50 38.77 -2.10
CA LEU B 232 -18.86 37.62 -2.71
C LEU B 232 -18.21 38.00 -4.04
N ARG B 233 -18.88 38.84 -4.83
CA ARG B 233 -18.32 39.24 -6.11
C ARG B 233 -17.11 40.15 -5.96
N GLU B 234 -17.13 41.01 -4.94
CA GLU B 234 -16.01 41.91 -4.71
C GLU B 234 -14.77 41.10 -4.32
N GLU B 235 -14.96 40.07 -3.50
CA GLU B 235 -13.83 39.23 -3.10
C GLU B 235 -13.21 38.61 -4.35
N ASP B 236 -14.06 38.25 -5.30
CA ASP B 236 -13.59 37.65 -6.55
C ASP B 236 -12.84 38.69 -7.37
N LYS B 237 -13.37 39.92 -7.39
CA LYS B 237 -12.73 41.00 -8.14
C LYS B 237 -11.36 41.34 -7.57
N VAL B 238 -11.28 41.41 -6.25
CA VAL B 238 -10.02 41.74 -5.59
C VAL B 238 -8.97 40.64 -5.80
N SER B 239 -9.33 39.39 -5.49
CA SER B 239 -8.42 38.27 -5.66
C SER B 239 -7.94 38.12 -7.11
N ALA B 240 -8.86 38.29 -8.05
CA ALA B 240 -8.53 38.15 -9.47
C ALA B 240 -7.56 39.20 -9.98
N TYR B 241 -7.62 40.42 -9.45
CA TYR B 241 -6.72 41.49 -9.88
C TYR B 241 -5.27 41.10 -9.67
N TYR B 242 -4.94 40.61 -8.48
CA TYR B 242 -3.57 40.20 -8.18
C TYR B 242 -3.15 38.99 -9.01
N ALA B 243 -4.04 38.01 -9.14
CA ALA B 243 -3.72 36.83 -9.94
C ALA B 243 -3.39 37.25 -11.37
N GLY B 244 -4.09 38.26 -11.85
CA GLY B 244 -3.84 38.75 -13.19
C GLY B 244 -2.41 39.25 -13.33
N GLY B 245 -1.87 39.81 -12.25
CA GLY B 245 -0.52 40.33 -12.28
C GLY B 245 0.52 39.25 -12.51
N LEU B 246 0.23 38.03 -12.07
CA LEU B 246 1.15 36.90 -12.23
C LEU B 246 1.50 36.69 -13.70
N LEU B 247 0.57 37.03 -14.58
CA LEU B 247 0.79 36.87 -16.02
C LEU B 247 0.89 38.20 -16.73
N TYR B 248 0.38 39.27 -16.12
CA TYR B 248 0.37 40.57 -16.77
C TYR B 248 1.11 41.75 -16.10
N ALA B 249 1.71 41.54 -14.93
CA ALA B 249 2.40 42.64 -14.27
C ALA B 249 3.39 43.33 -15.21
N THR B 250 4.07 42.55 -16.03
CA THR B 250 5.02 43.08 -17.00
C THR B 250 4.81 42.31 -18.30
N PRO B 251 5.18 42.90 -19.44
CA PRO B 251 5.00 42.24 -20.74
C PRO B 251 5.71 40.88 -20.81
N GLU B 252 6.79 40.75 -20.05
CA GLU B 252 7.58 39.54 -20.03
C GLU B 252 6.90 38.32 -19.41
N ARG B 253 6.09 38.55 -18.39
CA ARG B 253 5.42 37.46 -17.68
C ARG B 253 4.51 36.52 -18.50
N ALA B 254 3.99 36.99 -19.62
CA ALA B 254 3.11 36.14 -20.42
C ALA B 254 3.90 35.25 -21.40
N GLU B 255 5.16 35.61 -21.64
CA GLU B 255 5.98 34.83 -22.57
C GLU B 255 6.61 33.64 -21.86
N SER B 256 7.10 32.68 -22.63
CA SER B 256 7.70 31.47 -22.07
C SER B 256 8.78 31.78 -21.03
N LEU B 257 8.72 31.08 -19.90
CA LEU B 257 9.67 31.26 -18.81
C LEU B 257 11.07 30.82 -19.18
N LEU B 258 11.15 29.79 -20.03
CA LEU B 258 12.44 29.25 -20.46
C LEU B 258 12.67 29.53 -21.94
N ALA C 1 -18.81 23.66 -27.33
CA ALA C 1 -17.40 24.09 -27.58
C ALA C 1 -16.76 24.61 -26.30
N LEU C 2 -17.29 25.70 -25.77
CA LEU C 2 -16.75 26.30 -24.55
C LEU C 2 -17.76 26.34 -23.42
N LEU C 3 -17.29 26.13 -22.19
CA LEU C 3 -18.17 26.22 -21.03
C LEU C 3 -18.64 27.67 -21.07
N SER C 4 -19.80 27.94 -20.49
CA SER C 4 -20.35 29.30 -20.50
C SER C 4 -19.47 30.37 -19.86
N PHE C 5 -18.53 29.95 -19.01
CA PHE C 5 -17.66 30.89 -18.32
C PHE C 5 -16.20 30.80 -18.76
N GLU C 6 -15.94 29.95 -19.74
CA GLU C 6 -14.59 29.69 -20.23
C GLU C 6 -13.88 30.72 -21.13
N ARG C 7 -14.62 31.34 -22.03
CA ARG C 7 -13.99 32.29 -22.97
C ARG C 7 -13.04 33.32 -22.38
N LYS C 8 -13.47 34.01 -21.33
CA LYS C 8 -12.63 35.03 -20.72
C LYS C 8 -11.27 34.52 -20.23
N TYR C 9 -11.15 33.23 -20.01
CA TYR C 9 -9.89 32.64 -19.53
C TYR C 9 -8.96 32.15 -20.64
N ARG C 10 -9.49 32.02 -21.85
CA ARG C 10 -8.67 31.52 -22.95
C ARG C 10 -7.75 32.56 -23.58
N VAL C 11 -6.81 33.07 -22.79
CA VAL C 11 -5.87 34.06 -23.29
C VAL C 11 -4.53 33.41 -23.62
N ARG C 12 -3.71 34.11 -24.40
CA ARG C 12 -2.39 33.58 -24.77
C ARG C 12 -1.44 33.76 -23.59
N GLY C 13 -0.40 32.94 -23.54
CA GLY C 13 0.59 33.07 -22.49
C GLY C 13 0.61 31.99 -21.42
N GLY C 14 1.67 32.00 -20.63
CA GLY C 14 1.82 31.04 -19.55
C GLY C 14 2.75 29.88 -19.82
N THR C 15 3.21 29.74 -21.08
CA THR C 15 4.07 28.62 -21.42
C THR C 15 5.44 28.65 -20.75
N LEU C 16 6.09 27.49 -20.76
CA LEU C 16 7.41 27.33 -20.19
C LEU C 16 8.41 27.38 -21.35
N ILE C 17 8.00 26.81 -22.47
CA ILE C 17 8.81 26.75 -23.68
C ILE C 17 7.89 26.81 -24.89
N GLY C 18 8.39 27.34 -26.01
CA GLY C 18 7.57 27.41 -27.21
C GLY C 18 6.82 28.69 -27.50
N GLY C 19 6.38 29.39 -26.45
CA GLY C 19 5.65 30.62 -26.65
C GLY C 19 4.34 30.45 -27.40
N ASP C 20 4.11 31.29 -28.40
CA ASP C 20 2.88 31.25 -29.19
C ASP C 20 2.83 30.09 -30.19
N LEU C 21 3.97 29.47 -30.45
CA LEU C 21 4.05 28.37 -31.42
C LEU C 21 2.98 27.30 -31.23
N PHE C 22 2.82 26.80 -30.01
CA PHE C 22 1.84 25.77 -29.73
C PHE C 22 0.80 26.24 -28.71
N ASP C 23 0.78 27.54 -28.45
CA ASP C 23 -0.16 28.10 -27.49
C ASP C 23 -1.58 28.17 -28.06
N PHE C 24 -2.27 27.04 -28.07
CA PHE C 24 -3.64 26.96 -28.57
C PHE C 24 -4.34 25.71 -28.08
N TRP C 25 -5.63 25.61 -28.39
CA TRP C 25 -6.45 24.47 -27.99
C TRP C 25 -6.95 23.63 -29.17
N VAL C 26 -7.15 22.35 -28.89
CA VAL C 26 -7.69 21.40 -29.87
C VAL C 26 -8.88 20.84 -29.11
N GLY C 27 -10.08 21.34 -29.41
CA GLY C 27 -11.25 20.90 -28.70
C GLY C 27 -11.09 21.45 -27.28
N PRO C 28 -11.27 20.62 -26.24
CA PRO C 28 -11.12 21.10 -24.87
C PRO C 28 -9.66 21.11 -24.40
N TYR C 29 -8.83 20.34 -25.08
CA TYR C 29 -7.41 20.18 -24.73
C TYR C 29 -6.47 21.34 -25.06
N PHE C 30 -5.69 21.77 -24.08
CA PHE C 30 -4.70 22.80 -24.34
C PHE C 30 -3.55 22.01 -24.95
N VAL C 31 -2.87 22.59 -25.93
CA VAL C 31 -1.77 21.86 -26.54
C VAL C 31 -0.43 22.22 -25.88
N GLY C 32 0.23 23.24 -26.38
CA GLY C 32 1.51 23.64 -25.81
C GLY C 32 2.61 22.71 -26.28
N PHE C 33 3.86 23.14 -26.09
CA PHE C 33 5.00 22.33 -26.52
C PHE C 33 4.96 20.93 -25.89
N PHE C 34 4.62 20.87 -24.62
CA PHE C 34 4.57 19.60 -23.91
C PHE C 34 3.35 18.77 -24.28
N GLY C 35 2.39 19.41 -24.91
CA GLY C 35 1.22 18.68 -25.36
C GLY C 35 1.69 17.95 -26.60
N VAL C 36 2.55 18.60 -27.38
CA VAL C 36 3.07 17.99 -28.60
C VAL C 36 4.02 16.84 -28.26
N SER C 37 4.92 17.06 -27.29
CA SER C 37 5.86 16.01 -26.90
C SER C 37 5.14 14.84 -26.24
N ALA C 38 4.08 15.13 -25.47
CA ALA C 38 3.32 14.06 -24.82
C ALA C 38 2.71 13.15 -25.89
N ILE C 39 2.07 13.76 -26.89
CA ILE C 39 1.45 12.98 -27.97
C ILE C 39 2.52 12.16 -28.67
N PHE C 40 3.70 12.78 -28.87
CA PHE C 40 4.81 12.10 -29.53
C PHE C 40 5.21 10.83 -28.78
N PHE C 41 5.43 10.96 -27.47
CA PHE C 41 5.83 9.83 -26.63
C PHE C 41 4.73 8.77 -26.49
N ILE C 42 3.48 9.22 -26.41
CA ILE C 42 2.35 8.32 -26.29
C ILE C 42 2.23 7.47 -27.56
N PHE C 43 2.22 8.13 -28.71
CA PHE C 43 2.08 7.45 -30.00
C PHE C 43 3.20 6.42 -30.17
N LEU C 44 4.42 6.83 -29.84
CA LEU C 44 5.59 5.97 -29.97
C LEU C 44 5.53 4.80 -28.99
N GLY C 45 5.23 5.09 -27.72
CA GLY C 45 5.15 4.04 -26.72
C GLY C 45 4.08 3.00 -27.03
N VAL C 46 2.88 3.48 -27.38
CA VAL C 46 1.77 2.60 -27.70
C VAL C 46 2.08 1.76 -28.95
N SER C 47 2.72 2.37 -29.94
CA SER C 47 3.07 1.66 -31.16
C SER C 47 4.07 0.55 -30.85
N LEU C 48 5.05 0.86 -30.01
CA LEU C 48 6.06 -0.13 -29.63
C LEU C 48 5.40 -1.29 -28.88
N ILE C 49 4.44 -0.97 -28.02
CA ILE C 49 3.73 -1.98 -27.27
C ILE C 49 2.95 -2.88 -28.24
N GLY C 50 2.24 -2.24 -29.17
CA GLY C 50 1.46 -2.98 -30.15
C GLY C 50 2.31 -3.92 -30.98
N TYR C 51 3.44 -3.41 -31.48
CA TYR C 51 4.32 -4.25 -32.29
C TYR C 51 4.96 -5.35 -31.48
N ALA C 52 5.39 -5.03 -30.26
CA ALA C 52 6.01 -6.02 -29.39
C ALA C 52 4.99 -7.13 -29.09
N ALA C 53 3.75 -6.73 -28.83
CA ALA C 53 2.71 -7.70 -28.53
C ALA C 53 2.43 -8.61 -29.74
N SER C 54 2.48 -8.03 -30.94
CA SER C 54 2.20 -8.82 -32.15
C SER C 54 3.22 -9.94 -32.33
N GLN C 55 4.39 -9.79 -31.71
CA GLN C 55 5.42 -10.81 -31.80
C GLN C 55 5.32 -11.77 -30.63
N GLY C 56 4.34 -11.52 -29.75
CA GLY C 56 4.14 -12.36 -28.58
C GLY C 56 3.20 -13.52 -28.84
N PRO C 57 2.83 -14.27 -27.79
CA PRO C 57 1.93 -15.42 -27.94
C PRO C 57 0.43 -15.12 -27.85
N THR C 58 0.04 -13.89 -27.57
CA THR C 58 -1.38 -13.63 -27.42
C THR C 58 -1.83 -12.19 -27.66
N TRP C 59 -3.12 -12.04 -27.93
CA TRP C 59 -3.71 -10.73 -28.15
C TRP C 59 -4.66 -10.40 -27.00
N ASP C 60 -4.87 -11.36 -26.10
CA ASP C 60 -5.75 -11.13 -24.96
C ASP C 60 -5.18 -9.98 -24.12
N PRO C 61 -6.02 -8.95 -23.85
CA PRO C 61 -5.66 -7.76 -23.08
C PRO C 61 -5.02 -8.02 -21.72
N PHE C 62 -5.55 -9.01 -21.01
CA PHE C 62 -5.06 -9.35 -19.68
C PHE C 62 -3.77 -10.16 -19.67
N ALA C 63 -3.57 -10.95 -20.71
CA ALA C 63 -2.39 -11.82 -20.80
C ALA C 63 -1.17 -11.22 -21.48
N ILE C 64 -1.36 -10.23 -22.35
CA ILE C 64 -0.22 -9.61 -23.02
C ILE C 64 0.80 -9.15 -21.99
N SER C 65 2.08 -9.30 -22.31
CA SER C 65 3.14 -8.92 -21.38
C SER C 65 4.44 -8.60 -22.11
N ILE C 66 4.91 -7.36 -21.98
CA ILE C 66 6.15 -6.93 -22.59
C ILE C 66 7.15 -6.84 -21.43
N ASN C 67 8.14 -7.73 -21.44
CA ASN C 67 9.11 -7.83 -20.35
C ASN C 67 10.52 -7.27 -20.54
N PRO C 68 11.18 -6.90 -19.44
CA PRO C 68 12.55 -6.35 -19.46
C PRO C 68 13.52 -7.49 -19.80
N PRO C 69 14.82 -7.19 -19.94
CA PRO C 69 15.84 -8.20 -20.26
C PRO C 69 16.22 -9.12 -19.10
N ASP C 70 16.92 -10.21 -19.41
CA ASP C 70 17.41 -11.13 -18.39
C ASP C 70 18.37 -10.28 -17.56
N LEU C 71 18.66 -10.71 -16.34
CA LEU C 71 19.57 -9.94 -15.50
C LEU C 71 20.97 -9.84 -16.11
N LYS C 72 21.37 -10.84 -16.89
CA LYS C 72 22.70 -10.87 -17.49
C LYS C 72 23.05 -9.67 -18.36
N TYR C 73 22.05 -9.02 -18.97
CA TYR C 73 22.32 -7.86 -19.82
C TYR C 73 22.69 -6.63 -19.00
N GLY C 74 22.66 -6.76 -17.68
CA GLY C 74 23.02 -5.64 -16.81
C GLY C 74 22.28 -4.37 -17.17
N LEU C 75 23.02 -3.27 -17.28
CA LEU C 75 22.44 -1.98 -17.62
C LEU C 75 22.62 -1.66 -19.10
N GLY C 76 23.03 -2.65 -19.88
CA GLY C 76 23.24 -2.44 -21.30
C GLY C 76 21.96 -2.62 -22.12
N ALA C 77 22.04 -2.36 -23.41
CA ALA C 77 20.89 -2.51 -24.29
C ALA C 77 20.71 -3.99 -24.55
N ALA C 78 19.48 -4.39 -24.88
CA ALA C 78 19.19 -5.79 -25.14
C ALA C 78 18.46 -5.95 -26.45
N PRO C 79 18.50 -7.15 -27.05
CA PRO C 79 17.81 -7.37 -28.32
C PRO C 79 16.35 -6.95 -28.17
N LEU C 80 15.81 -6.32 -29.21
CA LEU C 80 14.43 -5.85 -29.22
C LEU C 80 13.42 -6.80 -28.60
N LEU C 81 13.39 -8.03 -29.10
CA LEU C 81 12.45 -9.04 -28.60
C LEU C 81 12.79 -9.57 -27.21
N GLU C 82 14.02 -9.37 -26.77
CA GLU C 82 14.45 -9.87 -25.48
C GLU C 82 14.61 -8.80 -24.39
N GLY C 83 13.78 -7.76 -24.44
CA GLY C 83 13.86 -6.70 -23.45
C GLY C 83 14.08 -5.34 -24.08
N GLY C 84 14.52 -5.33 -25.34
CA GLY C 84 14.77 -4.08 -26.02
C GLY C 84 13.52 -3.22 -26.17
N PHE C 85 12.40 -3.84 -26.53
CA PHE C 85 11.14 -3.11 -26.68
C PHE C 85 10.76 -2.48 -25.34
N TRP C 86 10.86 -3.29 -24.29
CA TRP C 86 10.54 -2.83 -22.93
C TRP C 86 11.34 -1.57 -22.60
N GLN C 87 12.64 -1.60 -22.89
CA GLN C 87 13.51 -0.46 -22.61
C GLN C 87 13.05 0.80 -23.35
N ALA C 88 12.68 0.65 -24.62
CA ALA C 88 12.24 1.79 -25.41
C ALA C 88 10.90 2.30 -24.88
N ILE C 89 10.01 1.37 -24.53
CA ILE C 89 8.70 1.73 -24.00
C ILE C 89 8.86 2.49 -22.69
N THR C 90 9.82 2.08 -21.87
CA THR C 90 10.07 2.74 -20.59
C THR C 90 10.48 4.19 -20.80
N VAL C 91 11.32 4.43 -21.81
CA VAL C 91 11.78 5.79 -22.11
C VAL C 91 10.58 6.63 -22.56
N CYS C 92 9.76 6.07 -23.43
CA CYS C 92 8.58 6.78 -23.90
C CYS C 92 7.64 7.11 -22.75
N ALA C 93 7.44 6.14 -21.85
CA ALA C 93 6.56 6.36 -20.70
C ALA C 93 7.04 7.57 -19.90
N LEU C 94 8.31 7.57 -19.53
CA LEU C 94 8.88 8.67 -18.76
C LEU C 94 8.73 10.01 -19.48
N GLY C 95 9.00 9.99 -20.78
CA GLY C 95 8.88 11.21 -21.54
C GLY C 95 7.44 11.69 -21.53
N ALA C 96 6.50 10.76 -21.65
CA ALA C 96 5.08 11.11 -21.64
C ALA C 96 4.63 11.66 -20.29
N PHE C 97 5.03 11.00 -19.21
CA PHE C 97 4.64 11.45 -17.88
C PHE C 97 5.20 12.85 -17.59
N ILE C 98 6.49 13.05 -17.84
CA ILE C 98 7.13 14.34 -17.61
C ILE C 98 6.54 15.46 -18.47
N SER C 99 6.21 15.14 -19.72
CA SER C 99 5.61 16.13 -20.60
C SER C 99 4.25 16.51 -20.03
N TRP C 100 3.50 15.50 -19.57
CA TRP C 100 2.18 15.73 -19.00
C TRP C 100 2.27 16.67 -17.79
N MET C 101 3.26 16.45 -16.94
CA MET C 101 3.46 17.27 -15.75
C MET C 101 3.81 18.72 -16.09
N LEU C 102 4.71 18.92 -17.05
CA LEU C 102 5.11 20.27 -17.44
C LEU C 102 3.97 20.99 -18.18
N ARG C 103 3.15 20.23 -18.88
CA ARG C 103 2.00 20.80 -19.58
C ARG C 103 1.03 21.34 -18.52
N GLU C 104 0.89 20.61 -17.41
CA GLU C 104 0.00 21.05 -16.32
C GLU C 104 0.52 22.36 -15.72
N VAL C 105 1.84 22.55 -15.74
CA VAL C 105 2.41 23.78 -15.20
C VAL C 105 2.00 24.94 -16.09
N GLU C 106 2.09 24.75 -17.41
CA GLU C 106 1.73 25.79 -18.35
C GLU C 106 0.24 26.14 -18.19
N ILE C 107 -0.60 25.12 -18.07
CA ILE C 107 -2.03 25.35 -17.90
C ILE C 107 -2.27 26.12 -16.61
N SER C 108 -1.59 25.72 -15.54
CA SER C 108 -1.73 26.40 -14.26
C SER C 108 -1.33 27.88 -14.40
N ARG C 109 -0.19 28.12 -15.06
CA ARG C 109 0.32 29.47 -15.28
C ARG C 109 -0.69 30.35 -16.02
N LYS C 110 -1.24 29.82 -17.12
CA LYS C 110 -2.20 30.56 -17.91
C LYS C 110 -3.44 30.95 -17.09
N LEU C 111 -3.82 30.11 -16.14
CA LEU C 111 -5.00 30.37 -15.30
C LEU C 111 -4.68 31.17 -14.04
N GLY C 112 -3.40 31.44 -13.79
CA GLY C 112 -3.04 32.21 -12.62
C GLY C 112 -3.21 31.47 -11.30
N ILE C 113 -3.21 30.14 -11.35
CA ILE C 113 -3.37 29.36 -10.13
C ILE C 113 -2.03 28.75 -9.74
N GLY C 114 -1.97 28.20 -8.53
CA GLY C 114 -0.73 27.58 -8.06
C GLY C 114 -0.36 26.36 -8.88
N TRP C 115 0.89 25.91 -8.76
CA TRP C 115 1.37 24.75 -9.51
C TRP C 115 1.26 23.48 -8.66
N HIS C 116 0.43 23.51 -7.63
CA HIS C 116 0.29 22.37 -6.74
C HIS C 116 -0.04 21.03 -7.41
N VAL C 117 -0.91 21.04 -8.42
CA VAL C 117 -1.26 19.77 -9.07
C VAL C 117 -0.05 19.11 -9.73
N PRO C 118 0.60 19.78 -10.70
CA PRO C 118 1.75 19.13 -11.31
C PRO C 118 2.81 18.71 -10.29
N LEU C 119 2.97 19.52 -9.24
CA LEU C 119 3.93 19.21 -8.20
C LEU C 119 3.52 17.88 -7.56
N ALA C 120 2.24 17.73 -7.28
CA ALA C 120 1.71 16.51 -6.68
C ALA C 120 1.91 15.34 -7.63
N PHE C 121 1.71 15.59 -8.93
CA PHE C 121 1.86 14.56 -9.95
C PHE C 121 3.30 14.04 -10.03
N CYS C 122 4.26 14.84 -9.56
CA CYS C 122 5.65 14.41 -9.57
C CYS C 122 5.86 13.19 -8.67
N VAL C 123 5.00 13.04 -7.66
CA VAL C 123 5.13 11.92 -6.74
C VAL C 123 5.00 10.56 -7.43
N PRO C 124 3.89 10.32 -8.15
CA PRO C 124 3.80 9.00 -8.82
C PRO C 124 4.87 8.82 -9.90
N ILE C 125 5.30 9.92 -10.52
CA ILE C 125 6.34 9.81 -11.55
C ILE C 125 7.61 9.34 -10.85
N PHE C 126 7.86 9.92 -9.68
CA PHE C 126 9.02 9.58 -8.87
C PHE C 126 8.98 8.10 -8.49
N MET C 127 7.82 7.62 -8.07
CA MET C 127 7.67 6.23 -7.67
C MET C 127 7.93 5.33 -8.87
N PHE C 128 7.44 5.74 -10.04
CA PHE C 128 7.68 4.96 -11.25
C PHE C 128 9.19 4.82 -11.46
N CYS C 129 9.91 5.93 -11.25
CA CYS C 129 11.36 5.93 -11.42
C CYS C 129 12.07 5.07 -10.38
N VAL C 130 11.53 5.04 -9.16
CA VAL C 130 12.11 4.22 -8.10
C VAL C 130 12.05 2.75 -8.51
N LEU C 131 10.92 2.34 -9.04
CA LEU C 131 10.68 0.97 -9.46
C LEU C 131 11.42 0.55 -10.74
N GLN C 132 11.37 1.40 -11.74
CA GLN C 132 11.96 1.08 -13.04
C GLN C 132 13.39 1.53 -13.31
N VAL C 133 13.84 2.55 -12.58
CA VAL C 133 15.17 3.09 -12.81
C VAL C 133 16.13 3.06 -11.62
N PHE C 134 15.76 3.71 -10.53
CA PHE C 134 16.64 3.78 -9.38
C PHE C 134 16.98 2.44 -8.74
N ARG C 135 15.96 1.63 -8.44
CA ARG C 135 16.25 0.34 -7.83
C ARG C 135 17.02 -0.54 -8.81
N PRO C 136 16.59 -0.60 -10.07
CA PRO C 136 17.34 -1.44 -11.02
C PRO C 136 18.80 -0.97 -11.15
N LEU C 137 19.02 0.33 -11.07
CA LEU C 137 20.39 0.88 -11.17
C LEU C 137 21.23 0.40 -10.00
N LEU C 138 20.67 0.48 -8.79
CA LEU C 138 21.39 0.04 -7.60
C LEU C 138 21.70 -1.45 -7.62
N LEU C 139 20.83 -2.25 -8.26
CA LEU C 139 21.05 -3.69 -8.32
C LEU C 139 21.89 -4.08 -9.53
N GLY C 140 22.11 -3.12 -10.43
CA GLY C 140 22.94 -3.36 -11.59
C GLY C 140 22.32 -3.97 -12.83
N SER C 141 20.99 -4.02 -12.89
N SER C 141 21.00 -3.99 -12.91
CA SER C 141 20.33 -4.60 -14.06
CA SER C 141 20.35 -4.57 -14.07
C SER C 141 18.93 -4.07 -14.30
C SER C 141 18.93 -4.06 -14.30
N TRP C 142 18.63 -3.75 -15.55
CA TRP C 142 17.30 -3.27 -15.93
C TRP C 142 16.30 -4.41 -15.71
N GLY C 143 16.81 -5.63 -15.72
CA GLY C 143 16.00 -6.81 -15.53
C GLY C 143 15.26 -6.92 -14.21
N HIS C 144 15.57 -6.05 -13.26
CA HIS C 144 14.89 -6.07 -11.97
C HIS C 144 13.62 -5.23 -12.00
N ALA C 145 13.38 -4.52 -13.10
CA ALA C 145 12.20 -3.68 -13.24
C ALA C 145 10.95 -4.50 -13.56
N PHE C 146 9.77 -3.90 -13.40
CA PHE C 146 8.53 -4.65 -13.67
C PHE C 146 8.13 -4.62 -15.13
N PRO C 147 7.45 -5.70 -15.59
CA PRO C 147 6.98 -5.85 -16.97
C PRO C 147 5.68 -5.11 -17.23
N TYR C 148 5.42 -4.80 -18.50
CA TYR C 148 4.20 -4.11 -18.88
C TYR C 148 3.14 -5.09 -19.34
N GLY C 149 2.25 -5.42 -18.41
CA GLY C 149 1.17 -6.36 -18.68
C GLY C 149 0.15 -6.13 -17.59
N ILE C 150 -1.13 -6.10 -17.95
CA ILE C 150 -2.18 -5.86 -16.98
C ILE C 150 -2.10 -6.82 -15.78
N LEU C 151 -1.89 -8.10 -16.04
CA LEU C 151 -1.77 -9.06 -14.95
C LEU C 151 -0.32 -9.43 -14.68
N SER C 152 0.53 -9.39 -15.70
CA SER C 152 1.93 -9.76 -15.49
C SER C 152 2.66 -8.84 -14.52
N HIS C 153 2.32 -7.56 -14.50
CA HIS C 153 3.02 -6.69 -13.56
C HIS C 153 2.65 -7.10 -12.13
N LEU C 154 1.51 -7.74 -11.96
CA LEU C 154 1.11 -8.20 -10.63
C LEU C 154 1.95 -9.42 -10.24
N ASP C 155 2.30 -10.25 -11.23
CA ASP C 155 3.13 -11.43 -10.95
C ASP C 155 4.51 -10.95 -10.46
N TRP C 156 4.98 -9.84 -11.00
CA TRP C 156 6.26 -9.26 -10.61
C TRP C 156 6.17 -8.73 -9.18
N VAL C 157 5.11 -7.98 -8.89
CA VAL C 157 4.93 -7.44 -7.56
C VAL C 157 4.90 -8.59 -6.55
N ASN C 158 4.18 -9.64 -6.94
CA ASN C 158 4.01 -10.85 -6.13
C ASN C 158 5.34 -11.52 -5.78
N ASN C 159 6.13 -11.88 -6.80
CA ASN C 159 7.42 -12.53 -6.57
C ASN C 159 8.40 -11.61 -5.83
N PHE C 160 8.39 -10.32 -6.18
CA PHE C 160 9.26 -9.32 -5.56
C PHE C 160 9.00 -9.37 -4.05
N GLY C 161 7.73 -9.31 -3.66
CA GLY C 161 7.38 -9.35 -2.26
C GLY C 161 7.87 -10.61 -1.56
N TYR C 162 7.61 -11.76 -2.18
CA TYR C 162 8.01 -13.03 -1.60
C TYR C 162 9.53 -13.27 -1.61
N GLN C 163 10.28 -12.47 -2.38
CA GLN C 163 11.73 -12.61 -2.40
C GLN C 163 12.21 -12.23 -1.00
N TYR C 164 11.37 -11.53 -0.25
CA TYR C 164 11.71 -11.13 1.11
C TYR C 164 10.80 -11.82 2.13
N LEU C 165 10.39 -13.04 1.76
CA LEU C 165 9.55 -13.93 2.59
C LEU C 165 8.15 -13.41 2.90
N ASN C 166 8.06 -12.27 3.57
CA ASN C 166 6.76 -11.67 3.84
C ASN C 166 6.94 -10.17 3.79
N TRP C 167 6.62 -9.60 2.64
CA TRP C 167 6.74 -8.17 2.39
C TRP C 167 5.89 -7.29 3.32
N HIS C 168 4.86 -7.89 3.92
CA HIS C 168 3.99 -7.16 4.85
C HIS C 168 4.75 -6.61 6.06
N TYR C 169 5.85 -7.26 6.43
CA TYR C 169 6.64 -6.83 7.58
C TYR C 169 7.63 -5.73 7.22
N ASN C 170 7.64 -5.33 5.95
CA ASN C 170 8.55 -4.28 5.48
C ASN C 170 8.06 -2.97 6.12
N PRO C 171 8.89 -2.34 6.97
CA PRO C 171 8.51 -1.08 7.62
C PRO C 171 8.09 0.03 6.67
N GLY C 172 8.78 0.15 5.54
CA GLY C 172 8.42 1.16 4.57
C GLY C 172 7.07 0.84 3.96
N HIS C 173 6.76 -0.44 3.85
CA HIS C 173 5.48 -0.88 3.29
C HIS C 173 4.38 -0.58 4.29
N MET C 174 4.62 -0.89 5.56
CA MET C 174 3.65 -0.64 6.61
C MET C 174 3.22 0.82 6.61
N SER C 175 4.19 1.72 6.44
CA SER C 175 3.89 3.14 6.41
C SER C 175 3.06 3.46 5.16
N SER C 176 3.53 2.97 4.01
CA SER C 176 2.85 3.19 2.74
C SER C 176 1.38 2.73 2.81
N VAL C 177 1.16 1.51 3.30
CA VAL C 177 -0.19 0.98 3.41
C VAL C 177 -1.07 1.83 4.35
N SER C 178 -0.52 2.20 5.50
CA SER C 178 -1.27 3.01 6.46
C SER C 178 -1.72 4.31 5.82
N PHE C 179 -0.85 4.91 5.01
CA PHE C 179 -1.21 6.15 4.33
C PHE C 179 -2.29 5.89 3.28
N LEU C 180 -2.21 4.74 2.61
CA LEU C 180 -3.20 4.37 1.58
C LEU C 180 -4.57 4.27 2.22
N PHE C 181 -4.64 3.56 3.35
CA PHE C 181 -5.90 3.35 4.06
C PHE C 181 -6.49 4.63 4.64
N VAL C 182 -5.68 5.39 5.36
CA VAL C 182 -6.16 6.62 5.97
C VAL C 182 -6.57 7.64 4.91
N ASN C 183 -5.87 7.64 3.78
CA ASN C 183 -6.22 8.58 2.72
C ASN C 183 -7.56 8.22 2.09
N ALA C 184 -7.78 6.93 1.83
CA ALA C 184 -9.04 6.49 1.25
C ALA C 184 -10.18 6.79 2.22
N MET C 185 -9.92 6.59 3.51
CA MET C 185 -10.90 6.85 4.55
C MET C 185 -11.19 8.35 4.62
N ALA C 186 -10.14 9.16 4.67
CA ALA C 186 -10.27 10.60 4.75
C ALA C 186 -11.00 11.19 3.55
N LEU C 187 -10.76 10.65 2.37
CA LEU C 187 -11.42 11.15 1.16
C LEU C 187 -12.92 10.92 1.29
N GLY C 188 -13.28 9.76 1.85
CA GLY C 188 -14.69 9.45 2.05
C GLY C 188 -15.29 10.40 3.07
N LEU C 189 -14.53 10.69 4.12
CA LEU C 189 -14.99 11.60 5.16
C LEU C 189 -15.17 13.02 4.61
N HIS C 190 -14.18 13.51 3.87
CA HIS C 190 -14.24 14.86 3.31
C HIS C 190 -15.38 14.98 2.30
N GLY C 191 -15.41 14.08 1.31
CA GLY C 191 -16.48 14.13 0.32
C GLY C 191 -17.84 14.04 0.99
N GLY C 192 -17.97 13.13 1.94
CA GLY C 192 -19.23 12.96 2.64
C GLY C 192 -19.65 14.18 3.44
N LEU C 193 -18.69 14.82 4.11
CA LEU C 193 -19.00 16.00 4.91
C LEU C 193 -19.52 17.14 4.05
N ILE C 194 -18.80 17.45 2.97
CA ILE C 194 -19.19 18.52 2.06
C ILE C 194 -20.57 18.26 1.47
N LEU C 195 -20.82 17.01 1.06
CA LEU C 195 -22.10 16.64 0.49
C LEU C 195 -23.22 16.72 1.52
N SER C 196 -22.92 16.34 2.76
CA SER C 196 -23.93 16.37 3.83
C SER C 196 -24.37 17.79 4.14
N VAL C 197 -23.47 18.76 3.96
CA VAL C 197 -23.77 20.15 4.23
C VAL C 197 -24.55 20.83 3.10
N ALA C 198 -24.24 20.45 1.87
CA ALA C 198 -24.90 21.04 0.71
C ALA C 198 -26.18 20.28 0.33
N ASN C 199 -26.34 19.08 0.88
CA ASN C 199 -27.52 18.26 0.58
C ASN C 199 -28.13 17.67 1.86
N PRO C 200 -28.69 18.53 2.72
CA PRO C 200 -29.31 18.05 3.96
C PRO C 200 -30.52 17.15 3.69
N GLY C 201 -31.13 17.33 2.53
CA GLY C 201 -32.28 16.52 2.16
C GLY C 201 -33.62 17.05 2.66
N ASP C 202 -34.70 16.52 2.11
CA ASP C 202 -36.06 16.89 2.48
C ASP C 202 -36.38 18.39 2.48
N GLY C 203 -35.86 19.12 1.50
CA GLY C 203 -36.14 20.54 1.44
C GLY C 203 -35.51 21.39 2.54
N ASP C 204 -34.64 20.79 3.36
CA ASP C 204 -34.00 21.56 4.42
C ASP C 204 -32.95 22.50 3.83
N LYS C 205 -32.56 23.49 4.63
CA LYS C 205 -31.58 24.49 4.20
C LYS C 205 -30.14 23.98 4.13
N VAL C 206 -29.40 24.48 3.15
CA VAL C 206 -28.00 24.14 2.99
C VAL C 206 -27.34 24.69 4.25
N LYS C 207 -26.38 23.98 4.80
CA LYS C 207 -25.75 24.47 6.02
C LYS C 207 -24.53 25.35 5.84
N THR C 208 -23.68 25.43 6.85
CA THR C 208 -22.55 26.33 6.80
C THR C 208 -21.18 25.78 7.19
N ALA C 209 -20.18 26.65 7.09
CA ALA C 209 -18.81 26.30 7.46
C ALA C 209 -18.80 25.98 8.94
N GLU C 210 -19.66 26.67 9.70
CA GLU C 210 -19.75 26.43 11.14
C GLU C 210 -20.25 25.02 11.40
N HIS C 211 -21.28 24.60 10.64
CA HIS C 211 -21.82 23.25 10.79
C HIS C 211 -20.76 22.22 10.43
N GLU C 212 -19.96 22.53 9.42
CA GLU C 212 -18.89 21.63 8.99
C GLU C 212 -17.98 21.31 10.15
N ASN C 213 -17.42 22.36 10.76
CA ASN C 213 -16.51 22.18 11.88
C ASN C 213 -17.17 21.56 13.11
N GLN C 214 -18.44 21.85 13.32
CA GLN C 214 -19.15 21.31 14.48
C GLN C 214 -19.29 19.80 14.39
N TYR C 215 -19.50 19.29 13.19
CA TYR C 215 -19.68 17.85 13.02
C TYR C 215 -18.53 17.00 13.58
N PHE C 216 -17.32 17.26 13.14
CA PHE C 216 -16.18 16.48 13.62
C PHE C 216 -15.74 16.84 15.03
N ARG C 217 -15.99 18.09 15.44
CA ARG C 217 -15.63 18.47 16.81
C ARG C 217 -16.47 17.59 17.72
N ASP C 218 -17.71 17.36 17.32
CA ASP C 218 -18.63 16.52 18.08
C ASP C 218 -18.29 15.03 18.00
N VAL C 219 -17.99 14.55 16.80
CA VAL C 219 -17.69 13.13 16.62
C VAL C 219 -16.33 12.70 17.14
N VAL C 220 -15.28 13.48 16.90
CA VAL C 220 -13.94 13.09 17.36
C VAL C 220 -13.22 14.10 18.26
N GLY C 221 -13.89 15.21 18.57
CA GLY C 221 -13.28 16.21 19.43
C GLY C 221 -12.34 17.18 18.75
N TYR C 222 -12.34 17.19 17.43
CA TYR C 222 -11.46 18.10 16.71
C TYR C 222 -11.88 18.22 15.25
N SER C 223 -11.64 19.39 14.67
CA SER C 223 -11.94 19.64 13.27
C SER C 223 -10.73 20.37 12.70
N ILE C 224 -10.11 19.78 11.68
CA ILE C 224 -8.92 20.38 11.11
C ILE C 224 -9.21 21.66 10.30
N GLY C 225 -10.39 21.74 9.70
CA GLY C 225 -10.72 22.95 8.94
C GLY C 225 -10.80 22.75 7.44
N ALA C 226 -11.59 23.61 6.78
CA ALA C 226 -11.83 23.56 5.35
C ALA C 226 -10.60 23.55 4.45
N LEU C 227 -9.71 24.54 4.61
CA LEU C 227 -8.50 24.60 3.79
C LEU C 227 -7.51 23.51 4.20
N SER C 228 -7.39 23.29 5.51
CA SER C 228 -6.47 22.31 6.06
C SER C 228 -6.70 20.86 5.69
N ILE C 229 -7.95 20.48 5.44
CA ILE C 229 -8.24 19.10 5.08
C ILE C 229 -7.73 18.82 3.67
N HIS C 230 -7.64 19.87 2.85
CA HIS C 230 -7.15 19.70 1.50
C HIS C 230 -5.62 19.57 1.53
N ARG C 231 -4.97 20.32 2.41
CA ARG C 231 -3.51 20.22 2.55
C ARG C 231 -3.21 18.83 3.12
N LEU C 232 -4.00 18.41 4.11
CA LEU C 232 -3.82 17.11 4.74
C LEU C 232 -4.01 15.97 3.73
N GLY C 233 -5.05 16.07 2.91
CA GLY C 233 -5.31 15.06 1.91
C GLY C 233 -4.15 14.90 0.95
N LEU C 234 -3.60 16.01 0.49
CA LEU C 234 -2.45 15.97 -0.43
C LEU C 234 -1.26 15.33 0.27
N PHE C 235 -1.12 15.63 1.56
CA PHE C 235 -0.02 15.10 2.38
C PHE C 235 -0.16 13.59 2.59
N LEU C 236 -1.36 13.14 2.92
CA LEU C 236 -1.60 11.72 3.13
C LEU C 236 -1.38 10.93 1.84
N ALA C 237 -1.99 11.40 0.76
CA ALA C 237 -1.86 10.73 -0.53
C ALA C 237 -0.40 10.66 -0.98
N SER C 238 0.28 11.80 -0.97
CA SER C 238 1.68 11.87 -1.40
C SER C 238 2.57 10.91 -0.65
N ASN C 239 2.38 10.83 0.68
CA ASN C 239 3.17 9.95 1.51
C ASN C 239 3.00 8.46 1.26
N ILE C 240 1.95 8.10 0.51
CA ILE C 240 1.75 6.68 0.18
C ILE C 240 3.03 6.25 -0.54
N PHE C 241 3.48 7.07 -1.49
CA PHE C 241 4.68 6.77 -2.27
C PHE C 241 5.97 7.34 -1.67
N LEU C 242 5.89 8.52 -1.06
CA LEU C 242 7.09 9.13 -0.48
C LEU C 242 7.71 8.24 0.59
N THR C 243 6.89 7.56 1.40
CA THR C 243 7.44 6.66 2.41
C THR C 243 7.61 5.26 1.83
N GLY C 244 6.72 4.86 0.95
CA GLY C 244 6.81 3.54 0.33
C GLY C 244 8.11 3.38 -0.43
N ALA C 245 8.53 4.44 -1.10
CA ALA C 245 9.77 4.43 -1.88
C ALA C 245 10.96 3.91 -1.05
N PHE C 246 11.01 4.26 0.23
CA PHE C 246 12.09 3.82 1.11
C PHE C 246 12.03 2.30 1.31
N GLY C 247 10.83 1.76 1.45
CA GLY C 247 10.68 0.32 1.62
C GLY C 247 11.08 -0.42 0.36
N THR C 248 10.80 0.17 -0.80
CA THR C 248 11.12 -0.42 -2.09
C THR C 248 12.63 -0.40 -2.34
N ILE C 249 13.22 0.78 -2.24
CA ILE C 249 14.65 0.97 -2.44
C ILE C 249 15.50 0.13 -1.49
N ALA C 250 15.00 -0.07 -0.28
CA ALA C 250 15.73 -0.82 0.73
C ALA C 250 15.82 -2.33 0.45
N SER C 251 14.81 -2.86 -0.24
CA SER C 251 14.74 -4.29 -0.51
C SER C 251 15.71 -4.73 -1.60
N GLY C 252 16.80 -5.34 -1.17
CA GLY C 252 17.83 -5.80 -2.07
C GLY C 252 19.09 -4.99 -1.84
N PRO C 253 19.09 -3.69 -2.21
CA PRO C 253 20.25 -2.82 -2.03
C PRO C 253 20.70 -2.62 -0.59
N PHE C 254 19.75 -2.55 0.33
CA PHE C 254 20.06 -2.32 1.75
C PHE C 254 19.55 -3.40 2.70
N TRP C 255 18.97 -4.47 2.15
CA TRP C 255 18.47 -5.57 2.97
C TRP C 255 18.23 -6.76 2.05
N THR C 256 18.80 -7.90 2.39
CA THR C 256 18.68 -9.10 1.56
C THR C 256 17.98 -10.26 2.27
N ARG C 257 17.60 -10.06 3.52
CA ARG C 257 16.94 -11.14 4.26
C ARG C 257 15.43 -10.92 4.23
N GLY C 258 14.70 -11.80 4.89
CA GLY C 258 13.26 -11.63 4.93
C GLY C 258 12.97 -10.39 5.74
N TRP C 259 11.85 -9.73 5.47
CA TRP C 259 11.53 -8.52 6.23
C TRP C 259 11.17 -8.79 7.69
N PRO C 260 10.53 -9.91 7.99
CA PRO C 260 10.20 -10.15 9.40
C PRO C 260 11.47 -10.13 10.28
N GLU C 261 12.54 -10.76 9.79
CA GLU C 261 13.80 -10.84 10.53
C GLU C 261 14.36 -9.46 10.84
N TRP C 262 14.07 -8.49 9.99
CA TRP C 262 14.55 -7.14 10.19
C TRP C 262 14.15 -6.64 11.58
N TRP C 263 12.96 -7.02 12.03
CA TRP C 263 12.49 -6.57 13.34
C TRP C 263 13.27 -7.18 14.50
N GLY C 264 14.35 -7.89 14.17
CA GLY C 264 15.18 -8.46 15.20
C GLY C 264 15.90 -7.37 15.96
N TRP C 265 15.98 -6.18 15.36
CA TRP C 265 16.65 -5.05 16.01
C TRP C 265 15.91 -4.74 17.30
N TRP C 266 14.62 -5.06 17.33
CA TRP C 266 13.80 -4.83 18.50
C TRP C 266 13.67 -6.10 19.32
N LEU C 267 13.28 -7.18 18.67
CA LEU C 267 13.09 -8.45 19.33
C LEU C 267 14.33 -9.04 19.99
N ASP C 268 15.49 -8.86 19.35
CA ASP C 268 16.72 -9.45 19.87
C ASP C 268 17.57 -8.61 20.82
N ILE C 269 17.02 -7.53 21.35
CA ILE C 269 17.79 -6.72 22.29
C ILE C 269 18.07 -7.65 23.48
N PRO C 270 19.35 -7.85 23.83
CA PRO C 270 19.72 -8.72 24.95
C PRO C 270 18.96 -8.51 26.25
N PHE C 271 18.66 -7.26 26.58
CA PHE C 271 17.94 -6.93 27.81
C PHE C 271 16.74 -7.84 28.06
N TRP C 272 15.86 -7.98 27.08
CA TRP C 272 14.67 -8.82 27.24
C TRP C 272 14.69 -10.14 26.48
N SER C 273 15.86 -10.52 25.97
CA SER C 273 16.00 -11.76 25.24
C SER C 273 16.12 -12.97 26.16
N ALA D 1 5.09 32.28 -4.59
CA ALA D 1 4.36 31.10 -4.06
C ALA D 1 3.36 31.54 -2.99
N ASP D 2 2.27 30.80 -2.86
CA ASP D 2 1.24 31.09 -1.87
C ASP D 2 1.64 30.38 -0.58
N TYR D 3 2.29 31.11 0.33
CA TYR D 3 2.73 30.54 1.59
C TYR D 3 1.59 30.01 2.44
N GLN D 4 0.39 30.59 2.26
CA GLN D 4 -0.78 30.16 3.00
C GLN D 4 -1.12 28.68 2.73
N THR D 5 -0.71 28.15 1.58
CA THR D 5 -1.01 26.75 1.28
C THR D 5 -0.08 25.80 2.04
N ILE D 6 1.03 26.35 2.53
CA ILE D 6 1.98 25.54 3.29
C ILE D 6 1.59 25.57 4.76
N TYR D 7 1.39 26.77 5.29
CA TYR D 7 0.98 26.94 6.69
C TYR D 7 0.37 28.34 6.86
N THR D 8 -0.29 28.56 7.99
CA THR D 8 -0.91 29.85 8.25
C THR D 8 0.10 30.85 8.85
N GLN D 9 0.49 31.83 8.06
CA GLN D 9 1.46 32.84 8.48
C GLN D 9 1.00 33.62 9.72
N ILE D 10 -0.25 34.08 9.69
CA ILE D 10 -0.82 34.85 10.81
C ILE D 10 -2.12 34.19 11.29
N GLN D 11 -2.07 33.58 12.48
CA GLN D 11 -3.23 32.92 13.04
C GLN D 11 -4.19 33.90 13.73
N ALA D 12 -5.47 33.55 13.72
CA ALA D 12 -6.51 34.36 14.32
C ALA D 12 -7.13 33.64 15.51
N ARG D 13 -7.66 34.41 16.46
CA ARG D 13 -8.29 33.85 17.65
C ARG D 13 -9.59 34.61 17.91
N GLY D 14 -10.62 33.88 18.33
CA GLY D 14 -11.90 34.49 18.61
C GLY D 14 -12.74 33.58 19.47
N PRO D 15 -13.87 34.04 20.00
CA PRO D 15 -14.70 33.17 20.84
C PRO D 15 -15.05 31.88 20.10
N HIS D 16 -15.01 30.76 20.80
CA HIS D 16 -15.31 29.49 20.17
C HIS D 16 -16.76 29.48 19.71
N ILE D 17 -17.01 28.75 18.62
CA ILE D 17 -18.33 28.67 18.04
C ILE D 17 -19.02 27.39 18.47
N THR D 18 -20.33 27.46 18.65
CA THR D 18 -21.11 26.29 19.03
C THR D 18 -22.38 26.28 18.19
N VAL D 19 -22.53 25.25 17.36
CA VAL D 19 -23.72 25.13 16.53
C VAL D 19 -24.66 24.16 17.24
N SER D 20 -25.85 24.65 17.57
CA SER D 20 -26.84 23.84 18.27
C SER D 20 -27.43 22.72 17.43
N GLY D 21 -27.54 21.54 18.03
CA GLY D 21 -28.12 20.41 17.35
C GLY D 21 -29.53 20.22 17.88
N GLU D 22 -30.36 19.47 17.15
CA GLU D 22 -31.73 19.24 17.59
C GLU D 22 -31.75 18.63 18.98
N TRP D 23 -30.66 17.96 19.34
CA TRP D 23 -30.55 17.32 20.64
C TRP D 23 -29.09 17.10 21.00
N GLY D 24 -28.83 16.83 22.28
CA GLY D 24 -27.47 16.56 22.73
C GLY D 24 -26.57 17.72 23.08
N ASP D 25 -27.04 18.96 22.94
CA ASP D 25 -26.20 20.11 23.27
C ASP D 25 -25.63 20.06 24.69
N ASN D 26 -26.39 19.48 25.62
CA ASN D 26 -25.94 19.38 27.00
C ASN D 26 -24.96 18.22 27.19
N ASP D 27 -24.75 17.44 26.14
CA ASP D 27 -23.83 16.30 26.23
C ASP D 27 -22.41 16.65 25.78
N ARG D 28 -22.18 17.91 25.42
CA ARG D 28 -20.85 18.32 25.01
C ARG D 28 -20.08 18.59 26.30
N VAL D 29 -18.89 18.02 26.41
CA VAL D 29 -18.08 18.19 27.62
C VAL D 29 -16.68 18.70 27.33
N GLY D 30 -16.12 19.42 28.30
CA GLY D 30 -14.78 19.94 28.16
C GLY D 30 -14.72 21.42 27.89
N LYS D 31 -13.50 21.96 27.95
CA LYS D 31 -13.25 23.37 27.71
C LYS D 31 -12.26 23.44 26.56
N PRO D 32 -12.65 24.08 25.45
CA PRO D 32 -11.76 24.20 24.29
C PRO D 32 -10.43 24.85 24.65
N PHE D 33 -9.33 24.19 24.28
CA PHE D 33 -8.01 24.77 24.50
C PHE D 33 -7.36 24.84 23.13
N TYR D 34 -6.38 25.73 22.99
CA TYR D 34 -5.74 25.90 21.69
C TYR D 34 -4.26 25.56 21.64
N SER D 35 -3.83 25.10 20.47
CA SER D 35 -2.44 24.75 20.24
C SER D 35 -1.90 25.65 19.14
N TYR D 36 -0.90 26.45 19.48
CA TYR D 36 -0.30 27.37 18.52
C TYR D 36 0.32 26.68 17.31
N TRP D 37 1.05 25.59 17.54
CA TRP D 37 1.70 24.88 16.44
C TRP D 37 0.72 24.10 15.58
N LEU D 38 -0.31 23.54 16.19
CA LEU D 38 -1.32 22.82 15.43
C LEU D 38 -2.02 23.84 14.53
N GLY D 39 -2.12 25.07 15.04
CA GLY D 39 -2.77 26.14 14.28
C GLY D 39 -2.03 26.55 13.04
N LYS D 40 -0.82 26.02 12.87
CA LYS D 40 -0.01 26.32 11.69
C LYS D 40 -0.56 25.58 10.47
N ILE D 41 -1.03 24.36 10.70
CA ILE D 41 -1.53 23.54 9.61
C ILE D 41 -2.97 23.04 9.81
N GLY D 42 -3.67 23.61 10.78
CA GLY D 42 -5.04 23.20 11.03
C GLY D 42 -5.70 24.16 12.00
N ASP D 43 -6.91 23.84 12.44
CA ASP D 43 -7.60 24.70 13.39
C ASP D 43 -6.88 24.51 14.71
N ALA D 44 -6.62 25.61 15.41
CA ALA D 44 -5.91 25.57 16.69
C ALA D 44 -6.74 25.01 17.84
N GLN D 45 -8.06 25.06 17.70
CA GLN D 45 -8.96 24.58 18.74
C GLN D 45 -9.12 23.07 18.85
N ILE D 46 -8.99 22.57 20.07
CA ILE D 46 -9.14 21.15 20.35
C ILE D 46 -10.30 21.01 21.34
N GLY D 47 -11.27 20.17 21.01
CA GLY D 47 -12.43 20.00 21.88
C GLY D 47 -13.39 21.16 21.70
N PRO D 48 -14.54 21.16 22.39
CA PRO D 48 -14.93 20.10 23.32
C PRO D 48 -15.37 18.88 22.53
N ILE D 49 -15.79 17.84 23.23
CA ILE D 49 -16.24 16.63 22.54
C ILE D 49 -17.64 16.28 23.00
N TYR D 50 -18.38 15.65 22.09
CA TYR D 50 -19.74 15.22 22.35
C TYR D 50 -19.69 13.82 22.94
N LEU D 51 -20.47 13.59 23.99
CA LEU D 51 -20.53 12.27 24.60
C LEU D 51 -21.72 11.54 23.98
N GLY D 52 -22.80 11.41 24.75
CA GLY D 52 -23.98 10.76 24.22
C GLY D 52 -23.97 9.26 24.45
N ALA D 53 -25.16 8.65 24.41
CA ALA D 53 -25.31 7.21 24.62
C ALA D 53 -24.56 6.35 23.61
N SER D 54 -24.67 6.69 22.32
CA SER D 54 -23.99 5.93 21.27
C SER D 54 -22.49 5.85 21.49
N GLY D 55 -21.87 7.01 21.67
CA GLY D 55 -20.44 7.07 21.88
C GLY D 55 -20.00 6.30 23.11
N ILE D 56 -20.71 6.51 24.22
CA ILE D 56 -20.40 5.83 25.47
C ILE D 56 -20.50 4.32 25.27
N ALA D 57 -21.60 3.88 24.67
CA ALA D 57 -21.81 2.46 24.43
C ALA D 57 -20.68 1.90 23.56
N ALA D 58 -20.31 2.66 22.53
CA ALA D 58 -19.24 2.24 21.63
C ALA D 58 -17.97 1.95 22.43
N PHE D 59 -17.59 2.87 23.31
CA PHE D 59 -16.40 2.69 24.13
C PHE D 59 -16.54 1.53 25.10
N ALA D 60 -17.77 1.29 25.58
CA ALA D 60 -17.99 0.19 26.52
C ALA D 60 -17.79 -1.15 25.81
N PHE D 61 -18.45 -1.33 24.68
CA PHE D 61 -18.33 -2.56 23.91
C PHE D 61 -16.90 -2.71 23.38
N GLY D 62 -16.34 -1.61 22.89
CA GLY D 62 -14.99 -1.63 22.35
C GLY D 62 -13.94 -1.98 23.39
N SER D 63 -14.06 -1.38 24.57
CA SER D 63 -13.11 -1.62 25.66
C SER D 63 -13.15 -3.10 26.08
N THR D 64 -14.35 -3.68 26.04
CA THR D 64 -14.50 -5.08 26.40
C THR D 64 -13.77 -5.96 25.40
N ALA D 65 -13.98 -5.70 24.12
CA ALA D 65 -13.30 -6.48 23.07
C ALA D 65 -11.78 -6.36 23.27
N ILE D 66 -11.31 -5.14 23.48
CA ILE D 66 -9.89 -4.88 23.68
C ILE D 66 -9.34 -5.64 24.89
N LEU D 67 -10.08 -5.64 25.99
CA LEU D 67 -9.64 -6.35 27.19
C LEU D 67 -9.60 -7.85 26.95
N ILE D 68 -10.56 -8.37 26.19
CA ILE D 68 -10.58 -9.79 25.89
C ILE D 68 -9.31 -10.15 25.11
N ILE D 69 -8.96 -9.30 24.15
CA ILE D 69 -7.79 -9.53 23.31
C ILE D 69 -6.49 -9.37 24.11
N LEU D 70 -6.38 -8.29 24.86
CA LEU D 70 -5.18 -8.04 25.66
C LEU D 70 -4.95 -9.15 26.68
N PHE D 71 -6.01 -9.63 27.30
CA PHE D 71 -5.88 -10.69 28.29
C PHE D 71 -5.38 -11.98 27.66
N ASN D 72 -5.91 -12.32 26.49
CA ASN D 72 -5.49 -13.53 25.80
C ASN D 72 -4.06 -13.39 25.31
N MET D 73 -3.66 -12.17 24.94
CA MET D 73 -2.30 -11.92 24.48
C MET D 73 -1.36 -12.09 25.67
N ALA D 74 -1.78 -11.56 26.82
CA ALA D 74 -0.98 -11.65 28.04
C ALA D 74 -0.77 -13.12 28.41
N ALA D 75 -1.78 -13.95 28.17
CA ALA D 75 -1.66 -15.37 28.46
C ALA D 75 -0.59 -16.00 27.57
N GLU D 76 -0.47 -15.51 26.33
CA GLU D 76 0.53 -16.06 25.40
C GLU D 76 1.95 -15.94 25.95
N VAL D 77 2.19 -14.92 26.76
CA VAL D 77 3.51 -14.72 27.36
C VAL D 77 3.46 -15.06 28.85
N HIS D 78 2.53 -15.94 29.22
CA HIS D 78 2.36 -16.35 30.61
C HIS D 78 2.25 -15.16 31.57
N PHE D 79 1.65 -14.08 31.09
CA PHE D 79 1.45 -12.88 31.91
C PHE D 79 2.71 -12.17 32.37
N ASP D 80 3.81 -12.34 31.63
CA ASP D 80 5.07 -11.68 31.96
C ASP D 80 5.06 -10.30 31.32
N PRO D 81 5.15 -9.23 32.14
CA PRO D 81 5.14 -7.84 31.68
C PRO D 81 6.22 -7.48 30.64
N LEU D 82 7.46 -7.86 30.92
CA LEU D 82 8.56 -7.54 30.02
C LEU D 82 8.40 -8.20 28.66
N GLN D 83 8.04 -9.49 28.66
CA GLN D 83 7.86 -10.22 27.42
C GLN D 83 6.62 -9.76 26.66
N PHE D 84 5.65 -9.23 27.40
CA PHE D 84 4.42 -8.73 26.77
C PHE D 84 4.77 -7.52 25.93
N PHE D 85 5.55 -6.62 26.51
CA PHE D 85 5.98 -5.41 25.82
C PHE D 85 6.84 -5.77 24.61
N ARG D 86 7.81 -6.64 24.84
CA ARG D 86 8.73 -7.09 23.80
C ARG D 86 8.07 -7.79 22.61
N GLN D 87 7.23 -8.78 22.91
CA GLN D 87 6.57 -9.59 21.90
C GLN D 87 5.22 -9.09 21.40
N PHE D 88 4.77 -7.95 21.90
CA PHE D 88 3.47 -7.40 21.53
C PHE D 88 2.98 -7.65 20.10
N PHE D 89 3.74 -7.16 19.11
CA PHE D 89 3.37 -7.33 17.70
C PHE D 89 3.11 -8.78 17.30
N TRP D 90 3.87 -9.71 17.87
CA TRP D 90 3.73 -11.14 17.57
C TRP D 90 2.56 -11.81 18.26
N LEU D 91 1.98 -11.15 19.26
CA LEU D 91 0.87 -11.72 20.01
C LEU D 91 -0.47 -11.53 19.34
N GLY D 92 -1.38 -12.48 19.57
CA GLY D 92 -2.71 -12.38 19.00
C GLY D 92 -3.75 -13.31 19.60
N LEU D 93 -5.01 -13.05 19.27
CA LEU D 93 -6.14 -13.86 19.71
C LEU D 93 -6.62 -14.50 18.42
N TYR D 94 -6.51 -15.83 18.32
CA TYR D 94 -6.87 -16.53 17.11
C TYR D 94 -8.21 -17.22 17.03
N PRO D 95 -8.73 -17.36 15.79
CA PRO D 95 -10.01 -18.02 15.51
C PRO D 95 -9.71 -19.50 15.74
N PRO D 96 -10.73 -20.37 15.70
CA PRO D 96 -10.41 -21.78 15.92
C PRO D 96 -9.41 -22.37 14.92
N LYS D 97 -8.43 -23.11 15.44
CA LYS D 97 -7.44 -23.74 14.59
C LYS D 97 -7.99 -25.06 14.05
N ALA D 98 -8.79 -25.74 14.87
CA ALA D 98 -9.38 -27.00 14.47
C ALA D 98 -10.67 -26.71 13.72
N GLN D 99 -11.14 -27.68 12.95
CA GLN D 99 -12.37 -27.53 12.18
C GLN D 99 -13.62 -27.95 12.96
N TYR D 100 -14.41 -26.98 13.41
CA TYR D 100 -15.64 -27.28 14.14
C TYR D 100 -16.82 -26.83 13.27
N GLY D 101 -16.53 -26.37 12.06
CA GLY D 101 -17.58 -25.90 11.19
C GLY D 101 -18.10 -24.60 11.80
N MET D 102 -19.42 -24.47 11.90
CA MET D 102 -20.02 -23.28 12.49
C MET D 102 -20.25 -23.44 13.98
N GLY D 103 -19.84 -24.58 14.52
CA GLY D 103 -20.01 -24.82 15.94
C GLY D 103 -19.20 -23.87 16.80
N ILE D 104 -19.81 -23.37 17.87
CA ILE D 104 -19.13 -22.45 18.77
C ILE D 104 -17.91 -23.19 19.32
N PRO D 105 -16.70 -22.71 18.98
CA PRO D 105 -15.47 -23.35 19.46
C PRO D 105 -15.23 -23.14 20.95
N PRO D 106 -14.42 -24.01 21.57
CA PRO D 106 -14.14 -23.86 22.99
C PRO D 106 -13.34 -22.57 23.21
N LEU D 107 -13.38 -22.04 24.42
CA LEU D 107 -12.67 -20.80 24.72
C LEU D 107 -11.19 -20.84 24.40
N HIS D 108 -10.55 -21.99 24.59
CA HIS D 108 -9.11 -22.10 24.33
C HIS D 108 -8.75 -22.23 22.84
N ASP D 109 -9.74 -22.44 21.99
CA ASP D 109 -9.47 -22.56 20.56
C ASP D 109 -10.52 -21.88 19.69
N GLY D 110 -10.62 -20.56 19.81
CA GLY D 110 -11.56 -19.81 19.01
C GLY D 110 -12.67 -19.11 19.78
N GLY D 111 -13.02 -19.69 20.94
CA GLY D 111 -14.07 -19.13 21.76
C GLY D 111 -13.92 -17.67 22.13
N TRP D 112 -12.75 -17.30 22.66
CA TRP D 112 -12.52 -15.92 23.04
C TRP D 112 -12.49 -15.02 21.81
N TRP D 113 -11.95 -15.53 20.71
CA TRP D 113 -11.87 -14.75 19.47
C TRP D 113 -13.29 -14.35 19.05
N LEU D 114 -14.18 -15.34 19.03
CA LEU D 114 -15.58 -15.11 18.65
C LEU D 114 -16.23 -14.06 19.56
N MET D 115 -15.88 -14.10 20.85
N MET D 115 -15.88 -14.10 20.84
CA MET D 115 -16.42 -13.16 21.82
CA MET D 115 -16.42 -13.16 21.82
C MET D 115 -15.93 -11.75 21.51
C MET D 115 -15.92 -11.75 21.52
N ALA D 116 -14.64 -11.62 21.22
CA ALA D 116 -14.05 -10.33 20.91
C ALA D 116 -14.71 -9.77 19.65
N GLY D 117 -14.91 -10.62 18.66
CA GLY D 117 -15.55 -10.20 17.43
C GLY D 117 -16.94 -9.64 17.66
N LEU D 118 -17.71 -10.32 18.50
CA LEU D 118 -19.07 -9.88 18.83
C LEU D 118 -19.05 -8.49 19.43
N PHE D 119 -18.18 -8.28 20.42
CA PHE D 119 -18.08 -6.99 21.08
C PHE D 119 -17.54 -5.88 20.17
N MET D 120 -16.65 -6.24 19.25
CA MET D 120 -16.13 -5.23 18.34
C MET D 120 -17.29 -4.82 17.43
N THR D 121 -18.04 -5.80 16.95
CA THR D 121 -19.18 -5.52 16.09
C THR D 121 -20.17 -4.58 16.76
N LEU D 122 -20.50 -4.85 18.02
CA LEU D 122 -21.43 -3.99 18.76
C LEU D 122 -20.84 -2.60 18.86
N SER D 123 -19.54 -2.54 19.06
CA SER D 123 -18.83 -1.28 19.17
C SER D 123 -18.96 -0.49 17.87
N LEU D 124 -18.73 -1.16 16.74
CA LEU D 124 -18.82 -0.51 15.43
C LEU D 124 -20.24 -0.02 15.16
N GLY D 125 -21.23 -0.84 15.49
CA GLY D 125 -22.61 -0.47 15.27
C GLY D 125 -23.00 0.75 16.10
N SER D 126 -22.50 0.81 17.33
CA SER D 126 -22.81 1.92 18.22
C SER D 126 -22.18 3.20 17.71
N TRP D 127 -20.93 3.11 17.25
CA TRP D 127 -20.25 4.29 16.74
C TRP D 127 -20.90 4.77 15.44
N TRP D 128 -21.49 3.84 14.70
CA TRP D 128 -22.17 4.18 13.45
C TRP D 128 -23.39 5.03 13.75
N ILE D 129 -24.09 4.69 14.84
CA ILE D 129 -25.28 5.42 15.24
C ILE D 129 -24.86 6.85 15.58
N ARG D 130 -23.72 6.99 16.24
CA ARG D 130 -23.17 8.30 16.59
C ARG D 130 -22.88 9.09 15.31
N VAL D 131 -22.21 8.45 14.36
CA VAL D 131 -21.86 9.09 13.10
C VAL D 131 -23.11 9.52 12.35
N TYR D 132 -24.14 8.67 12.39
CA TYR D 132 -25.40 8.94 11.72
C TYR D 132 -26.24 10.00 12.43
N SER D 133 -26.50 9.79 13.72
CA SER D 133 -27.32 10.71 14.51
C SER D 133 -26.76 12.12 14.62
N ARG D 134 -25.44 12.25 14.78
CA ARG D 134 -24.83 13.58 14.87
C ARG D 134 -25.14 14.39 13.62
N ALA D 135 -25.14 13.72 12.46
CA ALA D 135 -25.42 14.41 11.20
C ALA D 135 -26.85 14.93 11.21
N ARG D 136 -27.80 14.04 11.51
CA ARG D 136 -29.21 14.44 11.54
C ARG D 136 -29.45 15.54 12.57
N ALA D 137 -28.80 15.45 13.72
CA ALA D 137 -28.95 16.46 14.77
C ALA D 137 -28.54 17.85 14.29
N LEU D 138 -27.48 17.90 13.49
CA LEU D 138 -26.99 19.18 12.97
C LEU D 138 -27.61 19.56 11.62
N GLY D 139 -28.64 18.82 11.23
CA GLY D 139 -29.31 19.10 9.96
C GLY D 139 -28.45 18.84 8.73
N LEU D 140 -27.69 17.75 8.77
CA LEU D 140 -26.82 17.40 7.68
C LEU D 140 -27.24 16.09 7.02
N GLY D 141 -26.85 15.91 5.77
CA GLY D 141 -27.18 14.67 5.09
C GLY D 141 -26.40 13.57 5.77
N THR D 142 -26.74 12.32 5.50
CA THR D 142 -26.08 11.18 6.12
C THR D 142 -25.04 10.48 5.23
N HIS D 143 -24.44 11.23 4.32
CA HIS D 143 -23.44 10.68 3.41
C HIS D 143 -22.28 9.96 4.12
N ILE D 144 -21.77 10.54 5.19
CA ILE D 144 -20.66 9.93 5.91
C ILE D 144 -21.03 8.56 6.49
N ALA D 145 -22.20 8.46 7.11
CA ALA D 145 -22.66 7.21 7.71
C ALA D 145 -22.81 6.09 6.67
N TRP D 146 -23.25 6.44 5.48
CA TRP D 146 -23.42 5.42 4.45
C TRP D 146 -22.07 4.92 3.95
N ASN D 147 -21.06 5.79 3.97
CA ASN D 147 -19.72 5.37 3.55
C ASN D 147 -19.16 4.49 4.65
N PHE D 148 -19.35 4.93 5.90
CA PHE D 148 -18.88 4.19 7.07
C PHE D 148 -19.53 2.81 7.14
N ALA D 149 -20.78 2.71 6.71
CA ALA D 149 -21.50 1.44 6.73
C ALA D 149 -20.84 0.42 5.80
N ALA D 150 -20.33 0.89 4.66
CA ALA D 150 -19.67 0.00 3.71
C ALA D 150 -18.38 -0.54 4.31
N ALA D 151 -17.66 0.32 5.03
CA ALA D 151 -16.40 -0.09 5.66
C ALA D 151 -16.73 -1.15 6.73
N ILE D 152 -17.76 -0.87 7.53
CA ILE D 152 -18.18 -1.81 8.55
C ILE D 152 -18.61 -3.12 7.89
N PHE D 153 -19.34 -3.03 6.78
CA PHE D 153 -19.79 -4.23 6.10
C PHE D 153 -18.61 -5.11 5.66
N PHE D 154 -17.55 -4.49 5.15
CA PHE D 154 -16.38 -5.25 4.72
C PHE D 154 -15.74 -5.98 5.91
N VAL D 155 -15.68 -5.31 7.05
CA VAL D 155 -15.12 -5.93 8.25
C VAL D 155 -15.97 -7.15 8.63
N LEU D 156 -17.28 -7.02 8.50
CA LEU D 156 -18.17 -8.14 8.81
C LEU D 156 -17.98 -9.28 7.80
N CYS D 157 -17.63 -8.92 6.56
CA CYS D 157 -17.40 -9.92 5.52
C CYS D 157 -16.20 -10.81 5.82
N ILE D 158 -15.08 -10.20 6.19
CA ILE D 158 -13.89 -10.97 6.48
C ILE D 158 -13.93 -11.54 7.90
N GLY D 159 -14.70 -10.89 8.77
CA GLY D 159 -14.80 -11.35 10.14
C GLY D 159 -15.77 -12.51 10.38
N CYS D 160 -16.98 -12.43 9.85
CA CYS D 160 -17.95 -13.49 10.08
C CYS D 160 -18.82 -13.93 8.91
N ILE D 161 -19.09 -13.05 7.95
CA ILE D 161 -19.95 -13.44 6.84
C ILE D 161 -19.31 -14.50 5.94
N HIS D 162 -18.07 -14.27 5.50
CA HIS D 162 -17.41 -15.27 4.66
C HIS D 162 -17.30 -16.58 5.45
N PRO D 163 -16.89 -16.49 6.72
CA PRO D 163 -16.79 -17.72 7.53
C PRO D 163 -18.11 -18.48 7.57
N THR D 164 -19.21 -17.74 7.73
CA THR D 164 -20.53 -18.35 7.77
C THR D 164 -20.90 -18.94 6.40
N LEU D 165 -20.51 -18.24 5.32
CA LEU D 165 -20.82 -18.71 3.97
C LEU D 165 -20.12 -20.02 3.59
N VAL D 166 -18.89 -20.22 4.07
CA VAL D 166 -18.20 -21.48 3.75
C VAL D 166 -18.42 -22.47 4.89
N GLY D 167 -18.94 -21.96 6.00
CA GLY D 167 -19.23 -22.81 7.15
C GLY D 167 -18.08 -23.11 8.07
N SER D 168 -17.21 -22.14 8.33
CA SER D 168 -16.09 -22.35 9.24
C SER D 168 -15.52 -21.10 9.86
N TRP D 169 -15.58 -21.03 11.20
CA TRP D 169 -15.07 -19.90 11.95
C TRP D 169 -13.55 -19.82 11.88
N SER D 170 -12.91 -20.90 11.45
CA SER D 170 -11.45 -20.95 11.35
C SER D 170 -10.93 -19.97 10.29
N GLU D 171 -11.82 -19.46 9.45
CA GLU D 171 -11.46 -18.55 8.37
C GLU D 171 -11.39 -17.07 8.76
N GLY D 172 -11.82 -16.75 9.98
CA GLY D 172 -11.82 -15.36 10.43
C GLY D 172 -10.47 -14.71 10.62
N VAL D 173 -10.48 -13.38 10.67
CA VAL D 173 -9.25 -12.60 10.86
C VAL D 173 -8.88 -12.56 12.33
N PRO D 174 -7.65 -12.98 12.68
CA PRO D 174 -7.28 -12.94 14.09
C PRO D 174 -6.98 -11.52 14.55
N PHE D 175 -7.03 -11.30 15.87
CA PHE D 175 -6.74 -9.98 16.42
C PHE D 175 -5.27 -9.92 16.81
N GLY D 176 -4.55 -8.93 16.27
CA GLY D 176 -3.14 -8.77 16.58
C GLY D 176 -2.44 -8.04 15.44
N ILE D 177 -1.33 -7.39 15.76
CA ILE D 177 -0.56 -6.64 14.76
C ILE D 177 -0.07 -7.56 13.65
N TRP D 178 0.90 -8.42 13.94
CA TRP D 178 1.42 -9.34 12.93
C TRP D 178 0.39 -10.41 12.57
N PRO D 179 -0.31 -10.97 13.56
CA PRO D 179 -1.32 -12.01 13.30
C PRO D 179 -2.43 -11.68 12.30
N HIS D 180 -2.94 -10.45 12.31
CA HIS D 180 -3.99 -10.10 11.36
C HIS D 180 -3.36 -9.94 9.98
N ILE D 181 -2.05 -9.68 9.98
CA ILE D 181 -1.27 -9.53 8.74
C ILE D 181 -1.02 -10.92 8.15
N ASP D 182 -0.64 -11.88 8.99
CA ASP D 182 -0.40 -13.24 8.54
C ASP D 182 -1.63 -13.84 7.84
N TRP D 183 -2.81 -13.50 8.36
CA TRP D 183 -4.07 -13.99 7.79
C TRP D 183 -4.19 -13.65 6.30
N LEU D 184 -3.72 -12.46 5.94
CA LEU D 184 -3.75 -12.01 4.56
C LEU D 184 -3.10 -13.00 3.61
N THR D 185 -1.93 -13.51 3.97
CA THR D 185 -1.22 -14.45 3.12
C THR D 185 -1.88 -15.83 3.16
N ALA D 186 -2.34 -16.23 4.34
CA ALA D 186 -3.00 -17.53 4.50
C ALA D 186 -4.23 -17.58 3.62
N PHE D 187 -5.00 -16.49 3.63
CA PHE D 187 -6.23 -16.38 2.86
C PHE D 187 -5.91 -16.35 1.35
N SER D 188 -4.95 -15.52 0.94
CA SER D 188 -4.59 -15.42 -0.47
C SER D 188 -4.13 -16.77 -1.00
N ILE D 189 -3.29 -17.45 -0.23
CA ILE D 189 -2.78 -18.76 -0.60
C ILE D 189 -3.91 -19.78 -0.73
N ARG D 190 -4.77 -19.84 0.28
CA ARG D 190 -5.87 -20.79 0.28
C ARG D 190 -6.77 -20.61 -0.95
N TYR D 191 -6.95 -19.37 -1.38
CA TYR D 191 -7.83 -19.14 -2.52
C TYR D 191 -7.18 -18.86 -3.86
N GLY D 192 -6.00 -19.45 -4.06
CA GLY D 192 -5.29 -19.34 -5.32
C GLY D 192 -4.73 -18.01 -5.79
N ASN D 193 -4.19 -17.20 -4.87
CA ASN D 193 -3.57 -15.93 -5.21
C ASN D 193 -4.56 -14.78 -5.46
N PHE D 194 -4.71 -13.92 -4.45
CA PHE D 194 -5.64 -12.81 -4.56
C PHE D 194 -5.37 -11.78 -5.65
N TYR D 195 -4.18 -11.82 -6.27
CA TYR D 195 -3.90 -10.89 -7.37
C TYR D 195 -4.82 -11.21 -8.55
N TYR D 196 -5.29 -12.46 -8.62
CA TYR D 196 -6.16 -12.90 -9.69
C TYR D 196 -7.65 -12.79 -9.38
N CYS D 197 -7.99 -12.16 -8.28
CA CYS D 197 -9.38 -11.94 -7.91
C CYS D 197 -9.73 -10.57 -8.48
N PRO D 198 -10.65 -10.51 -9.47
CA PRO D 198 -11.07 -9.26 -10.09
C PRO D 198 -11.47 -8.15 -9.10
N TRP D 199 -12.17 -8.55 -8.05
CA TRP D 199 -12.63 -7.59 -7.04
C TRP D 199 -11.51 -7.07 -6.16
N HIS D 200 -10.42 -7.82 -6.10
CA HIS D 200 -9.25 -7.38 -5.35
C HIS D 200 -8.72 -6.26 -6.26
N GLY D 201 -8.70 -6.52 -7.56
CA GLY D 201 -8.23 -5.53 -8.52
C GLY D 201 -9.10 -4.29 -8.53
N PHE D 202 -10.42 -4.46 -8.47
CA PHE D 202 -11.32 -3.30 -8.46
C PHE D 202 -11.06 -2.46 -7.21
N SER D 203 -10.99 -3.13 -6.07
CA SER D 203 -10.77 -2.46 -4.79
C SER D 203 -9.48 -1.66 -4.81
N ILE D 204 -8.44 -2.22 -5.41
CA ILE D 204 -7.15 -1.54 -5.51
C ILE D 204 -7.24 -0.34 -6.46
N GLY D 205 -7.92 -0.53 -7.59
CA GLY D 205 -8.08 0.57 -8.53
C GLY D 205 -8.74 1.76 -7.86
N PHE D 206 -9.76 1.49 -7.05
CA PHE D 206 -10.45 2.55 -6.33
C PHE D 206 -9.61 3.12 -5.17
N ALA D 207 -8.81 2.28 -4.53
CA ALA D 207 -7.96 2.74 -3.42
C ALA D 207 -6.84 3.62 -3.99
N TYR D 208 -6.19 3.13 -5.04
CA TYR D 208 -5.14 3.92 -5.69
C TYR D 208 -5.86 5.15 -6.21
N GLY D 209 -7.09 4.95 -6.70
CA GLY D 209 -7.88 6.04 -7.24
C GLY D 209 -8.14 7.13 -6.20
N CYS D 210 -8.36 6.73 -4.94
CA CYS D 210 -8.57 7.68 -3.86
C CYS D 210 -7.29 8.46 -3.63
N GLY D 211 -6.15 7.78 -3.82
CA GLY D 211 -4.87 8.44 -3.64
C GLY D 211 -4.75 9.50 -4.72
N LEU D 212 -5.07 9.13 -5.95
CA LEU D 212 -5.00 10.03 -7.09
C LEU D 212 -5.94 11.22 -6.88
N LEU D 213 -7.20 10.92 -6.54
CA LEU D 213 -8.20 11.96 -6.35
C LEU D 213 -7.96 12.94 -5.20
N PHE D 214 -7.50 12.46 -4.04
CA PHE D 214 -7.27 13.39 -2.94
C PHE D 214 -6.04 14.24 -3.20
N ALA D 215 -5.04 13.64 -3.85
CA ALA D 215 -3.83 14.40 -4.18
C ALA D 215 -4.25 15.46 -5.20
N ALA D 216 -5.02 15.04 -6.19
CA ALA D 216 -5.48 15.96 -7.24
C ALA D 216 -6.42 17.03 -6.69
N HIS D 217 -7.43 16.61 -5.93
CA HIS D 217 -8.38 17.56 -5.37
C HIS D 217 -7.72 18.45 -4.31
N GLY D 218 -6.94 17.84 -3.43
CA GLY D 218 -6.25 18.61 -2.40
C GLY D 218 -5.36 19.67 -3.03
N ALA D 219 -4.58 19.27 -4.02
CA ALA D 219 -3.69 20.19 -4.71
C ALA D 219 -4.49 21.24 -5.48
N THR D 220 -5.62 20.84 -6.05
CA THR D 220 -6.44 21.77 -6.82
C THR D 220 -6.95 22.89 -5.91
N ILE D 221 -7.48 22.53 -4.76
CA ILE D 221 -8.02 23.54 -3.86
C ILE D 221 -6.92 24.47 -3.34
N LEU D 222 -5.73 23.92 -3.06
CA LEU D 222 -4.62 24.75 -2.61
C LEU D 222 -4.24 25.70 -3.75
N ALA D 223 -4.26 25.20 -4.98
CA ALA D 223 -3.91 26.01 -6.15
C ALA D 223 -4.85 27.19 -6.36
N VAL D 224 -6.06 27.10 -5.81
CA VAL D 224 -7.03 28.18 -5.94
C VAL D 224 -7.41 28.78 -4.59
N ALA D 225 -6.55 28.60 -3.60
CA ALA D 225 -6.78 29.12 -2.25
C ALA D 225 -6.79 30.65 -2.25
N ARG D 226 -6.07 31.23 -3.20
CA ARG D 226 -5.97 32.68 -3.33
C ARG D 226 -7.32 33.27 -3.77
N PHE D 227 -8.21 32.41 -4.23
CA PHE D 227 -9.54 32.83 -4.68
C PHE D 227 -10.61 32.29 -3.73
N GLY D 228 -10.18 31.80 -2.58
CA GLY D 228 -11.11 31.28 -1.60
C GLY D 228 -11.74 29.94 -1.98
N GLY D 229 -11.03 29.15 -2.78
CA GLY D 229 -11.54 27.86 -3.19
C GLY D 229 -11.88 26.92 -2.06
N ASP D 230 -11.24 27.12 -0.90
CA ASP D 230 -11.47 26.28 0.27
C ASP D 230 -12.89 26.44 0.84
N ARG D 231 -13.56 27.55 0.52
CA ARG D 231 -14.92 27.75 1.00
C ARG D 231 -15.82 27.04 0.00
N GLU D 232 -15.72 25.72 -0.02
CA GLU D 232 -16.46 24.90 -0.96
C GLU D 232 -17.99 25.01 -0.93
N ILE D 233 -18.56 25.17 0.27
CA ILE D 233 -20.02 25.26 0.37
C ILE D 233 -20.59 26.40 -0.46
N GLU D 234 -20.05 27.60 -0.29
CA GLU D 234 -20.55 28.75 -1.04
C GLU D 234 -20.06 28.74 -2.50
N GLN D 235 -19.02 27.96 -2.80
CA GLN D 235 -18.55 27.87 -4.18
C GLN D 235 -19.57 26.97 -4.91
N ILE D 236 -20.21 26.09 -4.14
CA ILE D 236 -21.22 25.19 -4.68
C ILE D 236 -22.51 25.97 -4.97
N THR D 237 -22.99 26.71 -3.98
CA THR D 237 -24.21 27.49 -4.14
C THR D 237 -24.03 28.74 -4.99
N ASP D 238 -22.80 29.25 -5.09
CA ASP D 238 -22.54 30.44 -5.89
C ASP D 238 -21.14 30.44 -6.52
N ARG D 239 -21.00 29.66 -7.59
CA ARG D 239 -19.76 29.50 -8.32
C ARG D 239 -18.88 30.75 -8.40
N GLY D 240 -17.63 30.61 -7.96
CA GLY D 240 -16.69 31.72 -7.99
C GLY D 240 -15.56 31.41 -8.95
N THR D 241 -14.67 32.38 -9.16
CA THR D 241 -13.56 32.17 -10.09
C THR D 241 -12.65 31.04 -9.65
N ALA D 242 -12.62 30.77 -8.35
CA ALA D 242 -11.80 29.68 -7.83
C ALA D 242 -12.11 28.34 -8.48
N VAL D 243 -13.40 28.01 -8.56
CA VAL D 243 -13.78 26.72 -9.13
C VAL D 243 -13.95 26.75 -10.64
N GLU D 244 -14.03 27.96 -11.21
CA GLU D 244 -14.13 28.06 -12.67
C GLU D 244 -12.72 27.71 -13.17
N ARG D 245 -11.70 28.24 -12.49
CA ARG D 245 -10.31 27.98 -12.86
C ARG D 245 -9.94 26.52 -12.59
N ALA D 246 -10.41 25.99 -11.46
CA ALA D 246 -10.14 24.60 -11.10
C ALA D 246 -10.70 23.69 -12.19
N ALA D 247 -11.93 23.96 -12.62
CA ALA D 247 -12.58 23.16 -13.66
C ALA D 247 -11.84 23.27 -14.99
N LEU D 248 -11.44 24.49 -15.36
CA LEU D 248 -10.73 24.69 -16.62
C LEU D 248 -9.35 24.06 -16.60
N PHE D 249 -8.69 24.05 -15.44
CA PHE D 249 -7.37 23.43 -15.36
C PHE D 249 -7.54 21.97 -15.81
N TRP D 250 -8.52 21.29 -15.23
CA TRP D 250 -8.75 19.89 -15.57
C TRP D 250 -9.33 19.68 -16.96
N ARG D 251 -10.24 20.54 -17.37
CA ARG D 251 -10.83 20.42 -18.70
C ARG D 251 -9.73 20.56 -19.77
N TRP D 252 -8.82 21.51 -19.56
CA TRP D 252 -7.75 21.72 -20.52
C TRP D 252 -6.67 20.65 -20.46
N THR D 253 -6.55 20.01 -19.29
CA THR D 253 -5.57 18.95 -19.09
C THR D 253 -6.06 17.60 -19.61
N ILE D 254 -7.16 17.11 -19.03
CA ILE D 254 -7.69 15.80 -19.42
C ILE D 254 -8.88 15.77 -20.37
N GLY D 255 -9.36 16.94 -20.78
CA GLY D 255 -10.47 16.95 -21.73
C GLY D 255 -11.87 17.02 -21.14
N PHE D 256 -11.97 16.92 -19.82
CA PHE D 256 -13.27 17.00 -19.17
C PHE D 256 -13.06 17.46 -17.73
N ASN D 257 -14.14 17.80 -17.04
CA ASN D 257 -14.01 18.28 -15.68
C ASN D 257 -15.25 18.03 -14.85
N ALA D 258 -15.16 18.35 -13.57
CA ALA D 258 -16.27 18.19 -12.64
C ALA D 258 -16.69 19.57 -12.16
N THR D 259 -17.46 19.62 -11.09
CA THR D 259 -17.89 20.86 -10.48
C THR D 259 -17.33 20.76 -9.07
N ILE D 260 -17.33 21.85 -8.31
CA ILE D 260 -16.80 21.78 -6.97
C ILE D 260 -17.64 20.81 -6.13
N GLU D 261 -18.93 20.70 -6.43
CA GLU D 261 -19.74 19.74 -5.67
C GLU D 261 -19.52 18.31 -6.12
N SER D 262 -19.59 18.06 -7.43
CA SER D 262 -19.45 16.69 -7.94
C SER D 262 -18.10 16.03 -7.69
N VAL D 263 -17.03 16.79 -7.60
CA VAL D 263 -15.74 16.17 -7.34
C VAL D 263 -15.80 15.47 -5.98
N HIS D 264 -16.61 15.99 -5.07
CA HIS D 264 -16.73 15.36 -3.76
C HIS D 264 -17.56 14.07 -3.89
N ARG D 265 -18.42 14.02 -4.91
CA ARG D 265 -19.22 12.82 -5.14
C ARG D 265 -18.33 11.74 -5.73
N TRP D 266 -17.37 12.14 -6.58
CA TRP D 266 -16.43 11.20 -7.17
C TRP D 266 -15.58 10.60 -6.05
N GLY D 267 -15.11 11.47 -5.16
CA GLY D 267 -14.28 11.02 -4.05
C GLY D 267 -15.03 10.09 -3.11
N TRP D 268 -16.27 10.47 -2.80
CA TRP D 268 -17.12 9.66 -1.93
C TRP D 268 -17.37 8.32 -2.59
N PHE D 269 -17.64 8.34 -3.90
CA PHE D 269 -17.90 7.12 -4.65
C PHE D 269 -16.68 6.20 -4.69
N PHE D 270 -15.51 6.77 -5.02
CA PHE D 270 -14.29 5.95 -5.06
C PHE D 270 -13.98 5.33 -3.71
N SER D 271 -14.15 6.09 -2.64
CA SER D 271 -13.90 5.59 -1.29
C SER D 271 -14.87 4.44 -1.00
N LEU D 272 -16.15 4.68 -1.27
CA LEU D 272 -17.19 3.67 -1.06
C LEU D 272 -16.87 2.37 -1.80
N MET D 273 -16.48 2.51 -3.07
CA MET D 273 -16.18 1.34 -3.90
C MET D 273 -14.97 0.52 -3.47
N VAL D 274 -14.09 1.11 -2.66
CA VAL D 274 -12.95 0.33 -2.17
C VAL D 274 -13.55 -0.79 -1.31
N MET D 275 -14.46 -0.40 -0.43
CA MET D 275 -15.10 -1.36 0.48
C MET D 275 -16.14 -2.24 -0.20
N VAL D 276 -16.94 -1.66 -1.10
CA VAL D 276 -17.95 -2.43 -1.81
C VAL D 276 -17.30 -3.52 -2.66
N SER D 277 -16.26 -3.14 -3.40
CA SER D 277 -15.54 -4.08 -4.26
C SER D 277 -14.88 -5.18 -3.45
N ALA D 278 -14.25 -4.81 -2.33
CA ALA D 278 -13.59 -5.80 -1.48
C ALA D 278 -14.63 -6.77 -0.91
N SER D 279 -15.76 -6.24 -0.48
CA SER D 279 -16.82 -7.07 0.09
C SER D 279 -17.35 -8.09 -0.92
N VAL D 280 -17.60 -7.64 -2.15
CA VAL D 280 -18.09 -8.54 -3.17
C VAL D 280 -17.04 -9.63 -3.41
N GLY D 281 -15.77 -9.23 -3.44
CA GLY D 281 -14.70 -10.20 -3.66
C GLY D 281 -14.67 -11.28 -2.59
N ILE D 282 -14.80 -10.86 -1.34
CA ILE D 282 -14.78 -11.78 -0.21
C ILE D 282 -16.02 -12.67 -0.20
N LEU D 283 -17.17 -12.11 -0.62
CA LEU D 283 -18.41 -12.89 -0.63
C LEU D 283 -18.36 -13.99 -1.69
N LEU D 284 -17.64 -13.73 -2.79
CA LEU D 284 -17.51 -14.71 -3.86
C LEU D 284 -16.43 -15.75 -3.57
N THR D 285 -15.44 -15.38 -2.77
CA THR D 285 -14.32 -16.27 -2.43
C THR D 285 -14.73 -17.44 -1.52
N GLY D 286 -14.38 -18.65 -1.95
CA GLY D 286 -14.72 -19.84 -1.16
C GLY D 286 -16.15 -20.27 -1.42
N THR D 287 -17.02 -19.29 -1.59
CA THR D 287 -18.42 -19.53 -1.87
C THR D 287 -18.60 -20.05 -3.31
N PHE D 288 -18.12 -19.26 -4.27
CA PHE D 288 -18.26 -19.63 -5.68
C PHE D 288 -16.95 -19.73 -6.46
N VAL D 289 -15.83 -19.40 -5.84
CA VAL D 289 -14.53 -19.51 -6.49
C VAL D 289 -13.55 -20.07 -5.47
N ASP D 290 -12.81 -21.10 -5.86
CA ASP D 290 -11.87 -21.77 -4.96
C ASP D 290 -10.40 -21.40 -5.21
N ASN D 291 -10.08 -21.08 -6.46
CA ASN D 291 -8.72 -20.72 -6.84
C ASN D 291 -8.85 -19.64 -7.91
N TRP D 292 -8.55 -18.40 -7.53
CA TRP D 292 -8.70 -17.29 -8.47
C TRP D 292 -7.79 -17.37 -9.68
N TYR D 293 -6.57 -17.85 -9.50
CA TYR D 293 -5.64 -17.98 -10.62
C TYR D 293 -6.23 -18.94 -11.65
N LEU D 294 -6.68 -20.11 -11.19
CA LEU D 294 -7.26 -21.09 -12.10
C LEU D 294 -8.55 -20.57 -12.73
N TRP D 295 -9.27 -19.74 -12.00
CA TRP D 295 -10.52 -19.16 -12.53
C TRP D 295 -10.13 -18.24 -13.70
N CYS D 296 -9.04 -17.50 -13.54
CA CYS D 296 -8.60 -16.62 -14.63
C CYS D 296 -8.06 -17.45 -15.80
N VAL D 297 -7.41 -18.57 -15.51
CA VAL D 297 -6.89 -19.42 -16.58
C VAL D 297 -8.09 -19.96 -17.36
N LYS D 298 -9.09 -20.42 -16.64
CA LYS D 298 -10.30 -20.97 -17.23
C LYS D 298 -10.98 -19.99 -18.17
N HIS D 299 -10.97 -18.70 -17.80
CA HIS D 299 -11.59 -17.69 -18.63
C HIS D 299 -10.60 -17.01 -19.58
N GLY D 300 -9.46 -17.66 -19.79
CA GLY D 300 -8.44 -17.18 -20.72
C GLY D 300 -7.73 -15.86 -20.49
N ALA D 301 -7.67 -15.39 -19.25
CA ALA D 301 -7.03 -14.10 -18.96
C ALA D 301 -5.60 -14.17 -18.43
N ALA D 302 -5.27 -15.25 -17.72
CA ALA D 302 -3.94 -15.40 -17.13
C ALA D 302 -2.77 -15.40 -18.11
N PRO D 303 -1.73 -14.61 -17.80
CA PRO D 303 -0.56 -14.56 -18.67
C PRO D 303 0.27 -15.82 -18.43
N ASP D 304 0.97 -16.28 -19.45
CA ASP D 304 1.82 -17.45 -19.31
C ASP D 304 3.22 -17.05 -19.77
N TYR D 305 4.24 -17.76 -19.30
CA TYR D 305 5.63 -17.42 -19.64
C TYR D 305 6.46 -18.66 -19.95
N PRO D 306 7.52 -18.49 -20.75
CA PRO D 306 8.39 -19.62 -21.07
C PRO D 306 9.12 -19.98 -19.78
N ALA D 307 9.71 -21.17 -19.72
CA ALA D 307 10.44 -21.55 -18.53
C ALA D 307 11.82 -20.91 -18.66
N TYR D 308 12.48 -20.66 -17.54
CA TYR D 308 13.81 -20.09 -17.58
C TYR D 308 14.69 -21.29 -17.25
N LEU D 309 14.53 -21.82 -16.05
CA LEU D 309 15.26 -23.02 -15.65
C LEU D 309 14.32 -24.09 -16.24
N PRO D 310 14.77 -25.34 -16.34
CA PRO D 310 13.91 -26.39 -16.90
C PRO D 310 12.51 -26.54 -16.28
N ALA D 311 11.51 -26.82 -17.13
CA ALA D 311 10.15 -27.04 -16.65
C ALA D 311 10.27 -28.20 -15.66
N THR D 312 9.50 -28.15 -14.57
CA THR D 312 9.61 -29.18 -13.55
C THR D 312 8.32 -29.97 -13.27
N PRO D 313 8.27 -31.23 -13.73
CA PRO D 313 7.10 -32.07 -13.53
C PRO D 313 6.89 -32.34 -12.04
N ASP D 314 5.62 -32.44 -11.64
CA ASP D 314 5.27 -32.72 -10.26
C ASP D 314 5.86 -34.09 -9.91
N PRO D 315 6.77 -34.15 -8.93
CA PRO D 315 7.39 -35.42 -8.53
C PRO D 315 6.36 -36.45 -8.07
N ALA D 316 5.34 -35.98 -7.37
CA ALA D 316 4.29 -36.85 -6.85
C ALA D 316 3.57 -37.64 -7.95
N SER D 317 3.61 -37.13 -9.17
CA SER D 317 2.94 -37.80 -10.29
C SER D 317 3.87 -38.71 -11.09
N LEU D 318 5.15 -38.74 -10.72
CA LEU D 318 6.10 -39.59 -11.44
C LEU D 318 5.86 -41.06 -11.13
N PRO D 319 6.28 -41.95 -12.05
CA PRO D 319 6.11 -43.40 -11.86
C PRO D 319 6.94 -43.96 -10.71
N GLY D 320 6.27 -44.61 -9.76
CA GLY D 320 6.96 -45.20 -8.63
C GLY D 320 7.23 -44.24 -7.49
N ALA D 321 6.81 -42.99 -7.66
CA ALA D 321 7.03 -41.99 -6.62
C ALA D 321 6.24 -42.31 -5.36
N PRO D 322 6.79 -41.99 -4.19
CA PRO D 322 6.10 -42.25 -2.92
C PRO D 322 4.99 -41.22 -2.72
N LYS D 323 4.28 -41.33 -1.60
CA LYS D 323 3.19 -40.41 -1.28
C LYS D 323 3.70 -39.08 -0.75
#